data_6Q1W
# 
_entry.id   6Q1W 
# 
_audit_conform.dict_name       mmcif_pdbx.dic 
_audit_conform.dict_version    5.397 
_audit_conform.dict_location   http://mmcif.pdb.org/dictionaries/ascii/mmcif_pdbx.dic 
# 
loop_
_database_2.database_id 
_database_2.database_code 
_database_2.pdbx_database_accession 
_database_2.pdbx_DOI 
PDB   6Q1W         pdb_00006q1w 10.2210/pdb6q1w/pdb 
WWPDB D_1000243424 ?            ?                   
# 
loop_
_pdbx_audit_revision_history.ordinal 
_pdbx_audit_revision_history.data_content_type 
_pdbx_audit_revision_history.major_revision 
_pdbx_audit_revision_history.minor_revision 
_pdbx_audit_revision_history.revision_date 
1 'Structure model' 1 0 2020-04-29 
2 'Structure model' 1 1 2020-05-20 
3 'Structure model' 1 2 2024-10-23 
# 
_pdbx_audit_revision_details.ordinal             1 
_pdbx_audit_revision_details.revision_ordinal    1 
_pdbx_audit_revision_details.data_content_type   'Structure model' 
_pdbx_audit_revision_details.provider            repository 
_pdbx_audit_revision_details.type                'Initial release' 
_pdbx_audit_revision_details.description         ? 
_pdbx_audit_revision_details.details             ? 
# 
loop_
_pdbx_audit_revision_group.ordinal 
_pdbx_audit_revision_group.revision_ordinal 
_pdbx_audit_revision_group.data_content_type 
_pdbx_audit_revision_group.group 
1 2 'Structure model' 'Database references' 
2 3 'Structure model' 'Data collection'     
3 3 'Structure model' 'Database references' 
4 3 'Structure model' 'Structure summary'   
# 
loop_
_pdbx_audit_revision_category.ordinal 
_pdbx_audit_revision_category.revision_ordinal 
_pdbx_audit_revision_category.data_content_type 
_pdbx_audit_revision_category.category 
1 2 'Structure model' citation                  
2 3 'Structure model' chem_comp_atom            
3 3 'Structure model' chem_comp_bond            
4 3 'Structure model' database_2                
5 3 'Structure model' pdbx_entry_details        
6 3 'Structure model' pdbx_modification_feature 
# 
loop_
_pdbx_audit_revision_item.ordinal 
_pdbx_audit_revision_item.revision_ordinal 
_pdbx_audit_revision_item.data_content_type 
_pdbx_audit_revision_item.item 
1 2 'Structure model' '_citation.journal_volume'                     
2 2 'Structure model' '_citation.page_first'                         
3 2 'Structure model' '_citation.page_last'                          
4 2 'Structure model' '_citation.title'                              
5 3 'Structure model' '_database_2.pdbx_DOI'                         
6 3 'Structure model' '_database_2.pdbx_database_accession'          
7 3 'Structure model' '_pdbx_entry_details.has_protein_modification' 
# 
_pdbx_database_status.status_code                     REL 
_pdbx_database_status.status_code_sf                  REL 
_pdbx_database_status.status_code_mr                  ? 
_pdbx_database_status.entry_id                        6Q1W 
_pdbx_database_status.recvd_initial_deposition_date   2019-08-06 
_pdbx_database_status.SG_entry                        N 
_pdbx_database_status.deposit_site                    RCSB 
_pdbx_database_status.process_site                    RCSB 
_pdbx_database_status.status_code_cs                  ? 
_pdbx_database_status.methods_development_category    ? 
_pdbx_database_status.pdb_format_compatible           Y 
_pdbx_database_status.status_code_nmr_data            ? 
# 
loop_
_audit_author.name 
_audit_author.pdbx_ordinal 
_audit_author.identifier_ORCID 
'Smith, M.S.'    1 ? 
'Stern, K.L.'    2 ? 
'Billings, W.M.' 3 ? 
'Price, J.L.'    4 ? 
# 
_citation.abstract                  ? 
_citation.abstract_id_CAS           ? 
_citation.book_id_ISBN              ? 
_citation.book_publisher            ? 
_citation.book_publisher_city       ? 
_citation.book_title                ? 
_citation.coordinate_linkage        ? 
_citation.country                   US 
_citation.database_id_Medline       ? 
_citation.details                   ? 
_citation.id                        primary 
_citation.journal_abbrev            Biochemistry 
_citation.journal_id_ASTM           BICHAW 
_citation.journal_id_CSD            0033 
_citation.journal_id_ISSN           0006-2960 
_citation.journal_full              ? 
_citation.journal_issue             ? 
_citation.journal_volume            59 
_citation.language                  ? 
_citation.page_first                1672 
_citation.page_last                 1679 
_citation.title                     
'Context-Dependent Stabilizing Interactions among Solvent-Exposed Residues along the Surface of a Trimeric Helix Bundle.' 
_citation.year                      2020 
_citation.database_id_CSD           ? 
_citation.pdbx_database_id_DOI      10.1021/acs.biochem.0c00045 
_citation.pdbx_database_id_PubMed   32270676 
_citation.unpublished_flag          ? 
# 
loop_
_citation_author.citation_id 
_citation_author.name 
_citation_author.ordinal 
_citation_author.identifier_ORCID 
primary 'Stern, K.L.'     1 ? 
primary 'Smith, M.S.'     2 ? 
primary 'Billings, W.M.'  3 ? 
primary 'Loftus, T.J.'    4 ? 
primary 'Conover, B.M.'   5 ? 
primary 'Della Corte, D.' 6 ? 
primary 'Price, J.L.'     7 ? 
# 
loop_
_entity.id 
_entity.type 
_entity.src_method 
_entity.pdbx_description 
_entity.formula_weight 
_entity.pdbx_number_of_molecules 
_entity.pdbx_ec 
_entity.pdbx_mutation 
_entity.pdbx_fragment 
_entity.details 
1 polymer syn 'Coiled-coil Trimer with Glu:Val:Lys Triad' 3852.431 2   ? ? ? ? 
2 water   nat water                                       18.015   128 ? ? ? ? 
# 
_entity_poly.entity_id                      1 
_entity_poly.type                           'polypeptide(L)' 
_entity_poly.nstd_linkage                   no 
_entity_poly.nstd_monomer                   yes 
_entity_poly.pdbx_seq_one_letter_code       '(ACE)EVEALEKKVEALEVKVQKLEKKVEALEHGWDGR' 
_entity_poly.pdbx_seq_one_letter_code_can   XEVEALEKKVEALEVKVQKLEKKVEALEHGWDGR 
_entity_poly.pdbx_strand_id                 A,B 
_entity_poly.pdbx_target_identifier         ? 
# 
_pdbx_entity_nonpoly.entity_id   2 
_pdbx_entity_nonpoly.name        water 
_pdbx_entity_nonpoly.comp_id     HOH 
# 
loop_
_entity_poly_seq.entity_id 
_entity_poly_seq.num 
_entity_poly_seq.mon_id 
_entity_poly_seq.hetero 
1 1  ACE n 
1 2  GLU n 
1 3  VAL n 
1 4  GLU n 
1 5  ALA n 
1 6  LEU n 
1 7  GLU n 
1 8  LYS n 
1 9  LYS n 
1 10 VAL n 
1 11 GLU n 
1 12 ALA n 
1 13 LEU n 
1 14 GLU n 
1 15 VAL n 
1 16 LYS n 
1 17 VAL n 
1 18 GLN n 
1 19 LYS n 
1 20 LEU n 
1 21 GLU n 
1 22 LYS n 
1 23 LYS n 
1 24 VAL n 
1 25 GLU n 
1 26 ALA n 
1 27 LEU n 
1 28 GLU n 
1 29 HIS n 
1 30 GLY n 
1 31 TRP n 
1 32 ASP n 
1 33 GLY n 
1 34 ARG n 
# 
_pdbx_entity_src_syn.entity_id              1 
_pdbx_entity_src_syn.pdbx_src_id            1 
_pdbx_entity_src_syn.pdbx_alt_source_flag   sample 
_pdbx_entity_src_syn.pdbx_beg_seq_num       1 
_pdbx_entity_src_syn.pdbx_end_seq_num       34 
_pdbx_entity_src_syn.organism_scientific    'synthetic construct' 
_pdbx_entity_src_syn.organism_common_name   ? 
_pdbx_entity_src_syn.ncbi_taxonomy_id       32630 
_pdbx_entity_src_syn.details                ? 
# 
loop_
_chem_comp.id 
_chem_comp.type 
_chem_comp.mon_nstd_flag 
_chem_comp.name 
_chem_comp.pdbx_synonyms 
_chem_comp.formula 
_chem_comp.formula_weight 
ACE non-polymer         . 'ACETYL GROUP'  ? 'C2 H4 O'        44.053  
ALA 'L-peptide linking' y ALANINE         ? 'C3 H7 N O2'     89.093  
ARG 'L-peptide linking' y ARGININE        ? 'C6 H15 N4 O2 1' 175.209 
ASP 'L-peptide linking' y 'ASPARTIC ACID' ? 'C4 H7 N O4'     133.103 
GLN 'L-peptide linking' y GLUTAMINE       ? 'C5 H10 N2 O3'   146.144 
GLU 'L-peptide linking' y 'GLUTAMIC ACID' ? 'C5 H9 N O4'     147.129 
GLY 'peptide linking'   y GLYCINE         ? 'C2 H5 N O2'     75.067  
HIS 'L-peptide linking' y HISTIDINE       ? 'C6 H10 N3 O2 1' 156.162 
HOH non-polymer         . WATER           ? 'H2 O'           18.015  
LEU 'L-peptide linking' y LEUCINE         ? 'C6 H13 N O2'    131.173 
LYS 'L-peptide linking' y LYSINE          ? 'C6 H15 N2 O2 1' 147.195 
TRP 'L-peptide linking' y TRYPTOPHAN      ? 'C11 H12 N2 O2'  204.225 
VAL 'L-peptide linking' y VALINE          ? 'C5 H11 N O2'    117.146 
# 
loop_
_pdbx_poly_seq_scheme.asym_id 
_pdbx_poly_seq_scheme.entity_id 
_pdbx_poly_seq_scheme.seq_id 
_pdbx_poly_seq_scheme.mon_id 
_pdbx_poly_seq_scheme.ndb_seq_num 
_pdbx_poly_seq_scheme.pdb_seq_num 
_pdbx_poly_seq_scheme.auth_seq_num 
_pdbx_poly_seq_scheme.pdb_mon_id 
_pdbx_poly_seq_scheme.auth_mon_id 
_pdbx_poly_seq_scheme.pdb_strand_id 
_pdbx_poly_seq_scheme.pdb_ins_code 
_pdbx_poly_seq_scheme.hetero 
A 1 1  ACE 1  0  0  ACE ACE A . n 
A 1 2  GLU 2  1  1  GLU GLU A . n 
A 1 3  VAL 3  2  2  VAL VAL A . n 
A 1 4  GLU 4  3  3  GLU GLU A . n 
A 1 5  ALA 5  4  4  ALA ALA A . n 
A 1 6  LEU 6  5  5  LEU LEU A . n 
A 1 7  GLU 7  6  6  GLU GLU A . n 
A 1 8  LYS 8  7  7  LYS LYS A . n 
A 1 9  LYS 9  8  8  LYS LYS A . n 
A 1 10 VAL 10 9  9  VAL VAL A . n 
A 1 11 GLU 11 10 10 GLU GLU A . n 
A 1 12 ALA 12 11 11 ALA ALA A . n 
A 1 13 LEU 13 12 12 LEU LEU A . n 
A 1 14 GLU 14 13 13 GLU GLU A . n 
A 1 15 VAL 15 14 14 VAL VAL A . n 
A 1 16 LYS 16 15 15 LYS LYS A . n 
A 1 17 VAL 17 16 16 VAL VAL A . n 
A 1 18 GLN 18 17 17 GLN GLN A . n 
A 1 19 LYS 19 18 18 LYS LYS A . n 
A 1 20 LEU 20 19 19 LEU LEU A . n 
A 1 21 GLU 21 20 20 GLU GLU A . n 
A 1 22 LYS 22 21 21 LYS LYS A . n 
A 1 23 LYS 23 22 22 LYS LYS A . n 
A 1 24 VAL 24 23 23 VAL VAL A . n 
A 1 25 GLU 25 24 24 GLU GLU A . n 
A 1 26 ALA 26 25 25 ALA ALA A . n 
A 1 27 LEU 27 26 26 LEU LEU A . n 
A 1 28 GLU 28 27 27 GLU GLU A . n 
A 1 29 HIS 29 28 28 HIS HIS A . n 
A 1 30 GLY 30 29 29 GLY GLY A . n 
A 1 31 TRP 31 30 30 TRP TRP A . n 
A 1 32 ASP 32 31 31 ASP ASP A . n 
A 1 33 GLY 33 32 32 GLY GLY A . n 
A 1 34 ARG 34 33 33 ARG ARG A . n 
B 1 1  ACE 1  0  0  ACE ACE B . n 
B 1 2  GLU 2  1  1  GLU GLU B . n 
B 1 3  VAL 3  2  2  VAL VAL B . n 
B 1 4  GLU 4  3  3  GLU GLU B . n 
B 1 5  ALA 5  4  4  ALA ALA B . n 
B 1 6  LEU 6  5  5  LEU LEU B . n 
B 1 7  GLU 7  6  6  GLU GLU B . n 
B 1 8  LYS 8  7  7  LYS LYS B . n 
B 1 9  LYS 9  8  8  LYS LYS B . n 
B 1 10 VAL 10 9  9  VAL VAL B . n 
B 1 11 GLU 11 10 10 GLU GLU B . n 
B 1 12 ALA 12 11 11 ALA ALA B . n 
B 1 13 LEU 13 12 12 LEU LEU B . n 
B 1 14 GLU 14 13 13 GLU GLU B . n 
B 1 15 VAL 15 14 14 VAL VAL B . n 
B 1 16 LYS 16 15 15 LYS LYS B . n 
B 1 17 VAL 17 16 16 VAL VAL B . n 
B 1 18 GLN 18 17 17 GLN GLN B . n 
B 1 19 LYS 19 18 18 LYS LYS B . n 
B 1 20 LEU 20 19 19 LEU LEU B . n 
B 1 21 GLU 21 20 20 GLU GLU B . n 
B 1 22 LYS 22 21 21 LYS LYS B . n 
B 1 23 LYS 23 22 22 LYS LYS B . n 
B 1 24 VAL 24 23 23 VAL VAL B . n 
B 1 25 GLU 25 24 24 GLU GLU B . n 
B 1 26 ALA 26 25 25 ALA ALA B . n 
B 1 27 LEU 27 26 26 LEU LEU B . n 
B 1 28 GLU 28 27 27 GLU GLU B . n 
B 1 29 HIS 29 28 28 HIS HIS B . n 
B 1 30 GLY 30 29 29 GLY GLY B . n 
B 1 31 TRP 31 30 30 TRP TRP B . n 
B 1 32 ASP 32 31 31 ASP ASP B . n 
B 1 33 GLY 33 32 32 GLY GLY B . n 
B 1 34 ARG 34 33 33 ARG ARG B . n 
# 
loop_
_pdbx_nonpoly_scheme.asym_id 
_pdbx_nonpoly_scheme.entity_id 
_pdbx_nonpoly_scheme.mon_id 
_pdbx_nonpoly_scheme.ndb_seq_num 
_pdbx_nonpoly_scheme.pdb_seq_num 
_pdbx_nonpoly_scheme.auth_seq_num 
_pdbx_nonpoly_scheme.pdb_mon_id 
_pdbx_nonpoly_scheme.auth_mon_id 
_pdbx_nonpoly_scheme.pdb_strand_id 
_pdbx_nonpoly_scheme.pdb_ins_code 
C 2 HOH 1  101 81  HOH HOH A . 
C 2 HOH 2  102 92  HOH HOH A . 
C 2 HOH 3  103 22  HOH HOH A . 
C 2 HOH 4  104 72  HOH HOH A . 
C 2 HOH 5  105 2   HOH HOH A . 
C 2 HOH 6  106 11  HOH HOH A . 
C 2 HOH 7  107 68  HOH HOH A . 
C 2 HOH 8  108 23  HOH HOH A . 
C 2 HOH 9  109 24  HOH HOH A . 
C 2 HOH 10 110 69  HOH HOH A . 
C 2 HOH 11 111 30  HOH HOH A . 
C 2 HOH 12 112 17  HOH HOH A . 
C 2 HOH 13 113 82  HOH HOH A . 
C 2 HOH 14 114 76  HOH HOH A . 
C 2 HOH 15 115 18  HOH HOH A . 
C 2 HOH 16 116 40  HOH HOH A . 
C 2 HOH 17 117 7   HOH HOH A . 
C 2 HOH 18 118 79  HOH HOH A . 
C 2 HOH 19 119 51  HOH HOH A . 
C 2 HOH 20 120 8   HOH HOH A . 
C 2 HOH 21 121 84  HOH HOH A . 
C 2 HOH 22 122 3   HOH HOH A . 
C 2 HOH 23 123 113 HOH HOH A . 
C 2 HOH 24 124 61  HOH HOH A . 
C 2 HOH 25 125 60  HOH HOH A . 
C 2 HOH 26 126 5   HOH HOH A . 
C 2 HOH 27 127 110 HOH HOH A . 
C 2 HOH 28 128 35  HOH HOH A . 
C 2 HOH 29 129 62  HOH HOH A . 
C 2 HOH 30 130 38  HOH HOH A . 
C 2 HOH 31 131 91  HOH HOH A . 
C 2 HOH 32 132 120 HOH HOH A . 
C 2 HOH 33 133 126 HOH HOH A . 
C 2 HOH 34 134 20  HOH HOH A . 
C 2 HOH 35 135 56  HOH HOH A . 
C 2 HOH 36 136 63  HOH HOH A . 
C 2 HOH 37 137 73  HOH HOH A . 
C 2 HOH 38 138 117 HOH HOH A . 
C 2 HOH 39 139 55  HOH HOH A . 
C 2 HOH 40 140 66  HOH HOH A . 
C 2 HOH 41 141 80  HOH HOH A . 
C 2 HOH 42 142 104 HOH HOH A . 
C 2 HOH 43 143 85  HOH HOH A . 
C 2 HOH 44 144 53  HOH HOH A . 
C 2 HOH 45 145 32  HOH HOH A . 
C 2 HOH 46 146 41  HOH HOH A . 
C 2 HOH 47 147 74  HOH HOH A . 
C 2 HOH 48 148 102 HOH HOH A . 
C 2 HOH 49 149 34  HOH HOH A . 
C 2 HOH 50 150 25  HOH HOH A . 
C 2 HOH 51 151 100 HOH HOH A . 
C 2 HOH 52 152 52  HOH HOH A . 
C 2 HOH 53 153 9   HOH HOH A . 
C 2 HOH 54 154 26  HOH HOH A . 
C 2 HOH 55 155 114 HOH HOH A . 
C 2 HOH 56 156 111 HOH HOH A . 
C 2 HOH 57 157 67  HOH HOH A . 
C 2 HOH 58 158 123 HOH HOH A . 
C 2 HOH 59 159 16  HOH HOH A . 
C 2 HOH 60 160 44  HOH HOH A . 
C 2 HOH 61 161 128 HOH HOH A . 
C 2 HOH 62 162 77  HOH HOH A . 
D 2 HOH 1  101 14  HOH HOH B . 
D 2 HOH 2  102 89  HOH HOH B . 
D 2 HOH 3  103 27  HOH HOH B . 
D 2 HOH 4  104 71  HOH HOH B . 
D 2 HOH 5  105 118 HOH HOH B . 
D 2 HOH 6  106 4   HOH HOH B . 
D 2 HOH 7  107 57  HOH HOH B . 
D 2 HOH 8  108 28  HOH HOH B . 
D 2 HOH 9  109 124 HOH HOH B . 
D 2 HOH 10 110 109 HOH HOH B . 
D 2 HOH 11 111 42  HOH HOH B . 
D 2 HOH 12 112 29  HOH HOH B . 
D 2 HOH 13 113 75  HOH HOH B . 
D 2 HOH 14 114 86  HOH HOH B . 
D 2 HOH 15 115 13  HOH HOH B . 
D 2 HOH 16 116 98  HOH HOH B . 
D 2 HOH 17 117 10  HOH HOH B . 
D 2 HOH 18 118 19  HOH HOH B . 
D 2 HOH 19 119 6   HOH HOH B . 
D 2 HOH 20 120 59  HOH HOH B . 
D 2 HOH 21 121 108 HOH HOH B . 
D 2 HOH 22 122 78  HOH HOH B . 
D 2 HOH 23 123 33  HOH HOH B . 
D 2 HOH 24 124 88  HOH HOH B . 
D 2 HOH 25 125 15  HOH HOH B . 
D 2 HOH 26 126 31  HOH HOH B . 
D 2 HOH 27 127 90  HOH HOH B . 
D 2 HOH 28 128 36  HOH HOH B . 
D 2 HOH 29 129 1   HOH HOH B . 
D 2 HOH 30 130 58  HOH HOH B . 
D 2 HOH 31 131 87  HOH HOH B . 
D 2 HOH 32 132 37  HOH HOH B . 
D 2 HOH 33 133 121 HOH HOH B . 
D 2 HOH 34 134 48  HOH HOH B . 
D 2 HOH 35 135 43  HOH HOH B . 
D 2 HOH 36 136 93  HOH HOH B . 
D 2 HOH 37 137 106 HOH HOH B . 
D 2 HOH 38 138 50  HOH HOH B . 
D 2 HOH 39 139 21  HOH HOH B . 
D 2 HOH 40 140 54  HOH HOH B . 
D 2 HOH 41 141 96  HOH HOH B . 
D 2 HOH 42 142 119 HOH HOH B . 
D 2 HOH 43 143 107 HOH HOH B . 
D 2 HOH 44 144 95  HOH HOH B . 
D 2 HOH 45 145 125 HOH HOH B . 
D 2 HOH 46 146 101 HOH HOH B . 
D 2 HOH 47 147 39  HOH HOH B . 
D 2 HOH 48 148 94  HOH HOH B . 
D 2 HOH 49 149 99  HOH HOH B . 
D 2 HOH 50 150 49  HOH HOH B . 
D 2 HOH 51 151 65  HOH HOH B . 
D 2 HOH 52 152 45  HOH HOH B . 
D 2 HOH 53 153 70  HOH HOH B . 
D 2 HOH 54 154 64  HOH HOH B . 
D 2 HOH 55 155 115 HOH HOH B . 
D 2 HOH 56 156 105 HOH HOH B . 
D 2 HOH 57 157 116 HOH HOH B . 
D 2 HOH 58 158 103 HOH HOH B . 
D 2 HOH 59 159 83  HOH HOH B . 
D 2 HOH 60 160 12  HOH HOH B . 
D 2 HOH 61 161 112 HOH HOH B . 
D 2 HOH 62 162 97  HOH HOH B . 
D 2 HOH 63 163 47  HOH HOH B . 
D 2 HOH 64 164 46  HOH HOH B . 
D 2 HOH 65 165 127 HOH HOH B . 
D 2 HOH 66 166 122 HOH HOH B . 
# 
loop_
_software.citation_id 
_software.classification 
_software.compiler_name 
_software.compiler_version 
_software.contact_author 
_software.contact_author_email 
_software.date 
_software.description 
_software.dependencies 
_software.hardware 
_software.language 
_software.location 
_software.mods 
_software.name 
_software.os 
_software.os_version 
_software.type 
_software.version 
_software.pdbx_ordinal 
? refinement        ? ? ? ? ? ? ? ? ? ? ? PHENIX      ? ? ? dev_2906 1 
? 'data extraction' ? ? ? ? ? ? ? ? ? ? ? PDB_EXTRACT ? ? ? 3.25     2 
? 'data reduction'  ? ? ? ? ? ? ? ? ? ? ? SADABS      ? ? ? .        3 
? 'data scaling'    ? ? ? ? ? ? ? ? ? ? ? SADABS      ? ? ? .        4 
? phasing           ? ? ? ? ? ? ? ? ? ? ? PHENIX      ? ? ? .        5 
# 
_cell.angle_alpha                  90.000 
_cell.angle_alpha_esd              ? 
_cell.angle_beta                   90.000 
_cell.angle_beta_esd               ? 
_cell.angle_gamma                  120.000 
_cell.angle_gamma_esd              ? 
_cell.entry_id                     6Q1W 
_cell.details                      ? 
_cell.formula_units_Z              ? 
_cell.length_a                     38.136 
_cell.length_a_esd                 ? 
_cell.length_b                     38.136 
_cell.length_b_esd                 ? 
_cell.length_c                     104.497 
_cell.length_c_esd                 ? 
_cell.volume                       ? 
_cell.volume_esd                   ? 
_cell.Z_PDB                        18 
_cell.reciprocal_angle_alpha       ? 
_cell.reciprocal_angle_beta        ? 
_cell.reciprocal_angle_gamma       ? 
_cell.reciprocal_angle_alpha_esd   ? 
_cell.reciprocal_angle_beta_esd    ? 
_cell.reciprocal_angle_gamma_esd   ? 
_cell.reciprocal_length_a          ? 
_cell.reciprocal_length_b          ? 
_cell.reciprocal_length_c          ? 
_cell.reciprocal_length_a_esd      ? 
_cell.reciprocal_length_b_esd      ? 
_cell.reciprocal_length_c_esd      ? 
_cell.pdbx_unique_axis             ? 
# 
_symmetry.entry_id                         6Q1W 
_symmetry.cell_setting                     ? 
_symmetry.Int_Tables_number                146 
_symmetry.space_group_name_Hall            ? 
_symmetry.space_group_name_H-M             'H 3' 
_symmetry.pdbx_full_space_group_name_H-M   ? 
# 
_exptl.absorpt_coefficient_mu     ? 
_exptl.absorpt_correction_T_max   ? 
_exptl.absorpt_correction_T_min   ? 
_exptl.absorpt_correction_type    ? 
_exptl.absorpt_process_details    ? 
_exptl.entry_id                   6Q1W 
_exptl.crystals_number            1 
_exptl.details                    ? 
_exptl.method                     'X-RAY DIFFRACTION' 
_exptl.method_details             ? 
# 
_exptl_crystal.colour                      ? 
_exptl_crystal.density_diffrn              ? 
_exptl_crystal.density_Matthews            1.90 
_exptl_crystal.density_method              ? 
_exptl_crystal.density_percent_sol         35.20 
_exptl_crystal.description                 ? 
_exptl_crystal.F_000                       ? 
_exptl_crystal.id                          1 
_exptl_crystal.preparation                 ? 
_exptl_crystal.size_max                    ? 
_exptl_crystal.size_mid                    ? 
_exptl_crystal.size_min                    ? 
_exptl_crystal.size_rad                    ? 
_exptl_crystal.colour_lustre               ? 
_exptl_crystal.colour_modifier             ? 
_exptl_crystal.colour_primary              ? 
_exptl_crystal.density_meas                ? 
_exptl_crystal.density_meas_esd            ? 
_exptl_crystal.density_meas_gt             ? 
_exptl_crystal.density_meas_lt             ? 
_exptl_crystal.density_meas_temp           ? 
_exptl_crystal.density_meas_temp_esd       ? 
_exptl_crystal.density_meas_temp_gt        ? 
_exptl_crystal.density_meas_temp_lt        ? 
_exptl_crystal.pdbx_crystal_image_url      ? 
_exptl_crystal.pdbx_crystal_image_format   ? 
_exptl_crystal.pdbx_mosaicity              ? 
_exptl_crystal.pdbx_mosaicity_esd          ? 
# 
_exptl_crystal_grow.apparatus       ? 
_exptl_crystal_grow.atmosphere      ? 
_exptl_crystal_grow.crystal_id      1 
_exptl_crystal_grow.details         ? 
_exptl_crystal_grow.method          'VAPOR DIFFUSION, SITTING DROP' 
_exptl_crystal_grow.method_ref      ? 
_exptl_crystal_grow.pH              5.5 
_exptl_crystal_grow.pressure        ? 
_exptl_crystal_grow.pressure_esd    ? 
_exptl_crystal_grow.seeding         ? 
_exptl_crystal_grow.seeding_ref     ? 
_exptl_crystal_grow.temp            298 
_exptl_crystal_grow.temp_details    ? 
_exptl_crystal_grow.temp_esd        ? 
_exptl_crystal_grow.time            ? 
_exptl_crystal_grow.pdbx_details    '40% PEG600, 100 mM sodium citrate tribasic/citric acid, pH 5.5' 
_exptl_crystal_grow.pdbx_pH_range   ? 
# 
_diffrn.ambient_environment              ? 
_diffrn.ambient_temp                     100 
_diffrn.ambient_temp_details             ? 
_diffrn.ambient_temp_esd                 ? 
_diffrn.crystal_id                       1 
_diffrn.crystal_support                  ? 
_diffrn.crystal_treatment                ? 
_diffrn.details                          ? 
_diffrn.id                               1 
_diffrn.ambient_pressure                 ? 
_diffrn.ambient_pressure_esd             ? 
_diffrn.ambient_pressure_gt              ? 
_diffrn.ambient_pressure_lt              ? 
_diffrn.ambient_temp_gt                  ? 
_diffrn.ambient_temp_lt                  ? 
_diffrn.pdbx_serial_crystal_experiment   N 
# 
_diffrn_detector.details                      ? 
_diffrn_detector.detector                     CCD 
_diffrn_detector.diffrn_id                    1 
_diffrn_detector.type                         'APEX II CCD' 
_diffrn_detector.area_resol_mean              ? 
_diffrn_detector.dtime                        ? 
_diffrn_detector.pdbx_frames_total            ? 
_diffrn_detector.pdbx_collection_time_total   ? 
_diffrn_detector.pdbx_collection_date         2017-11-27 
_diffrn_detector.pdbx_frequency               ? 
# 
_diffrn_radiation.collimation                      ? 
_diffrn_radiation.diffrn_id                        1 
_diffrn_radiation.filter_edge                      ? 
_diffrn_radiation.inhomogeneity                    ? 
_diffrn_radiation.monochromator                    ? 
_diffrn_radiation.polarisn_norm                    ? 
_diffrn_radiation.polarisn_ratio                   ? 
_diffrn_radiation.probe                            ? 
_diffrn_radiation.type                             ? 
_diffrn_radiation.xray_symbol                      ? 
_diffrn_radiation.wavelength_id                    1 
_diffrn_radiation.pdbx_monochromatic_or_laue_m_l   M 
_diffrn_radiation.pdbx_wavelength_list             ? 
_diffrn_radiation.pdbx_wavelength                  ? 
_diffrn_radiation.pdbx_diffrn_protocol             'SINGLE WAVELENGTH' 
_diffrn_radiation.pdbx_analyzer                    ? 
_diffrn_radiation.pdbx_scattering_type             x-ray 
# 
_diffrn_radiation_wavelength.id           1 
_diffrn_radiation_wavelength.wavelength   1.5406 
_diffrn_radiation_wavelength.wt           1.0 
# 
_diffrn_source.current                     ? 
_diffrn_source.details                     ? 
_diffrn_source.diffrn_id                   1 
_diffrn_source.power                       ? 
_diffrn_source.size                        ? 
_diffrn_source.source                      'ROTATING ANODE' 
_diffrn_source.target                      ? 
_diffrn_source.type                        'ENRAF-NONIUS FR591' 
_diffrn_source.voltage                     ? 
_diffrn_source.take-off_angle              ? 
_diffrn_source.pdbx_wavelength_list        1.5406 
_diffrn_source.pdbx_wavelength             ? 
_diffrn_source.pdbx_synchrotron_beamline   ? 
_diffrn_source.pdbx_synchrotron_site       ? 
# 
_reflns.B_iso_Wilson_estimate            ? 
_reflns.entry_id                         6Q1W 
_reflns.data_reduction_details           ? 
_reflns.data_reduction_method            ? 
_reflns.d_resolution_high                1.4980 
_reflns.d_resolution_low                 17.42 
_reflns.details                          ? 
_reflns.limit_h_max                      ? 
_reflns.limit_h_min                      ? 
_reflns.limit_k_max                      ? 
_reflns.limit_k_min                      ? 
_reflns.limit_l_max                      ? 
_reflns.limit_l_min                      ? 
_reflns.number_all                       ? 
_reflns.number_obs                       9110 
_reflns.observed_criterion               ? 
_reflns.observed_criterion_F_max         ? 
_reflns.observed_criterion_F_min         ? 
_reflns.observed_criterion_I_max         ? 
_reflns.observed_criterion_I_min         ? 
_reflns.observed_criterion_sigma_F       ? 
_reflns.observed_criterion_sigma_I       ? 
_reflns.percent_possible_obs             99.64 
_reflns.R_free_details                   ? 
_reflns.Rmerge_F_all                     ? 
_reflns.Rmerge_F_obs                     ? 
_reflns.Friedel_coverage                 ? 
_reflns.number_gt                        ? 
_reflns.threshold_expression             ? 
_reflns.pdbx_redundancy                  6.1 
_reflns.pdbx_Rmerge_I_obs                0.158 
_reflns.pdbx_Rmerge_I_all                ? 
_reflns.pdbx_Rsym_value                  ? 
_reflns.pdbx_netI_over_av_sigmaI         ? 
_reflns.pdbx_netI_over_sigmaI            18.3 
_reflns.pdbx_res_netI_over_av_sigmaI_2   ? 
_reflns.pdbx_res_netI_over_sigmaI_2      ? 
_reflns.pdbx_chi_squared                 ? 
_reflns.pdbx_scaling_rejects             ? 
_reflns.pdbx_d_res_high_opt              ? 
_reflns.pdbx_d_res_low_opt               ? 
_reflns.pdbx_d_res_opt_method            ? 
_reflns.phase_calculation_details        ? 
_reflns.pdbx_Rrim_I_all                  0.166 
_reflns.pdbx_Rpim_I_all                  0.052 
_reflns.pdbx_d_opt                       ? 
_reflns.pdbx_number_measured_all         ? 
_reflns.pdbx_diffrn_id                   1 
_reflns.pdbx_ordinal                     1 
_reflns.pdbx_CC_half                     0.924 
_reflns.pdbx_R_split                     ? 
# 
_reflns_shell.d_res_high                  1.498 
_reflns_shell.d_res_low                   1.552 
_reflns_shell.meanI_over_sigI_all         ? 
_reflns_shell.meanI_over_sigI_obs         ? 
_reflns_shell.number_measured_all         ? 
_reflns_shell.number_measured_obs         ? 
_reflns_shell.number_possible             ? 
_reflns_shell.number_unique_all           ? 
_reflns_shell.number_unique_obs           886 
_reflns_shell.percent_possible_all        ? 
_reflns_shell.percent_possible_obs        ? 
_reflns_shell.Rmerge_F_all                ? 
_reflns_shell.Rmerge_F_obs                ? 
_reflns_shell.Rmerge_I_all                ? 
_reflns_shell.Rmerge_I_obs                0.251 
_reflns_shell.meanI_over_sigI_gt          ? 
_reflns_shell.meanI_over_uI_all           ? 
_reflns_shell.meanI_over_uI_gt            ? 
_reflns_shell.number_measured_gt          ? 
_reflns_shell.number_unique_gt            ? 
_reflns_shell.percent_possible_gt         ? 
_reflns_shell.Rmerge_F_gt                 ? 
_reflns_shell.Rmerge_I_gt                 ? 
_reflns_shell.pdbx_redundancy             ? 
_reflns_shell.pdbx_Rsym_value             ? 
_reflns_shell.pdbx_chi_squared            ? 
_reflns_shell.pdbx_netI_over_sigmaI_all   ? 
_reflns_shell.pdbx_netI_over_sigmaI_obs   ? 
_reflns_shell.pdbx_Rrim_I_all             0.310 
_reflns_shell.pdbx_Rpim_I_all             0.178 
_reflns_shell.pdbx_rejects                ? 
_reflns_shell.pdbx_ordinal                1 
_reflns_shell.pdbx_diffrn_id              1 
_reflns_shell.pdbx_CC_half                0.909 
_reflns_shell.pdbx_R_split                ? 
# 
_refine.aniso_B[1][1]                            ? 
_refine.aniso_B[1][2]                            ? 
_refine.aniso_B[1][3]                            ? 
_refine.aniso_B[2][2]                            ? 
_refine.aniso_B[2][3]                            ? 
_refine.aniso_B[3][3]                            ? 
_refine.B_iso_max                                47.390 
_refine.B_iso_mean                               14.6356 
_refine.B_iso_min                                4.490 
_refine.correlation_coeff_Fo_to_Fc               ? 
_refine.correlation_coeff_Fo_to_Fc_free          ? 
_refine.details                                  ? 
_refine.diff_density_max                         ? 
_refine.diff_density_max_esd                     ? 
_refine.diff_density_min                         ? 
_refine.diff_density_min_esd                     ? 
_refine.diff_density_rms                         ? 
_refine.diff_density_rms_esd                     ? 
_refine.entry_id                                 6Q1W 
_refine.pdbx_refine_id                           'X-RAY DIFFRACTION' 
_refine.ls_abs_structure_details                 ? 
_refine.ls_abs_structure_Flack                   ? 
_refine.ls_abs_structure_Flack_esd               ? 
_refine.ls_abs_structure_Rogers                  ? 
_refine.ls_abs_structure_Rogers_esd              ? 
_refine.ls_d_res_high                            1.4980 
_refine.ls_d_res_low                             17.42 
_refine.ls_extinction_coef                       ? 
_refine.ls_extinction_coef_esd                   ? 
_refine.ls_extinction_expression                 ? 
_refine.ls_extinction_method                     ? 
_refine.ls_goodness_of_fit_all                   ? 
_refine.ls_goodness_of_fit_all_esd               ? 
_refine.ls_goodness_of_fit_obs                   ? 
_refine.ls_goodness_of_fit_obs_esd               ? 
_refine.ls_hydrogen_treatment                    ? 
_refine.ls_matrix_type                           ? 
_refine.ls_number_constraints                    ? 
_refine.ls_number_parameters                     ? 
_refine.ls_number_reflns_all                     ? 
_refine.ls_number_reflns_obs                     9110 
_refine.ls_number_reflns_R_free                  1758 
_refine.ls_number_reflns_R_work                  ? 
_refine.ls_number_restraints                     ? 
_refine.ls_percent_reflns_obs                    97.2500 
_refine.ls_percent_reflns_R_free                 9.8900 
_refine.ls_R_factor_all                          ? 
_refine.ls_R_factor_obs                          0.1770 
_refine.ls_R_factor_R_free                       0.1968 
_refine.ls_R_factor_R_free_error                 ? 
_refine.ls_R_factor_R_free_error_details         ? 
_refine.ls_R_factor_R_work                       0.1748 
_refine.ls_R_Fsqd_factor_obs                     ? 
_refine.ls_R_I_factor_obs                        ? 
_refine.ls_redundancy_reflns_all                 ? 
_refine.ls_redundancy_reflns_obs                 ? 
_refine.ls_restrained_S_all                      ? 
_refine.ls_restrained_S_obs                      ? 
_refine.ls_shift_over_esd_max                    ? 
_refine.ls_shift_over_esd_mean                   ? 
_refine.ls_structure_factor_coef                 ? 
_refine.ls_weighting_details                     ? 
_refine.ls_weighting_scheme                      ? 
_refine.ls_wR_factor_all                         ? 
_refine.ls_wR_factor_obs                         ? 
_refine.ls_wR_factor_R_free                      ? 
_refine.ls_wR_factor_R_work                      ? 
_refine.occupancy_max                            ? 
_refine.occupancy_min                            ? 
_refine.solvent_model_details                    ? 
_refine.solvent_model_param_bsol                 ? 
_refine.solvent_model_param_ksol                 ? 
_refine.ls_R_factor_gt                           ? 
_refine.ls_goodness_of_fit_gt                    ? 
_refine.ls_goodness_of_fit_ref                   ? 
_refine.ls_shift_over_su_max                     ? 
_refine.ls_shift_over_su_max_lt                  ? 
_refine.ls_shift_over_su_mean                    ? 
_refine.ls_shift_over_su_mean_lt                 ? 
_refine.pdbx_ls_sigma_I                          ? 
_refine.pdbx_ls_sigma_F                          1.990 
_refine.pdbx_ls_sigma_Fsqd                       ? 
_refine.pdbx_data_cutoff_high_absF               ? 
_refine.pdbx_data_cutoff_high_rms_absF           ? 
_refine.pdbx_data_cutoff_low_absF                ? 
_refine.pdbx_isotropic_thermal_model             ? 
_refine.pdbx_ls_cross_valid_method               THROUGHOUT 
_refine.pdbx_method_to_determine_struct          'MOLECULAR REPLACEMENT' 
_refine.pdbx_starting_model                      ? 
_refine.pdbx_stereochemistry_target_values       ? 
_refine.pdbx_R_Free_selection_details            ? 
_refine.pdbx_stereochem_target_val_spec_case     ? 
_refine.pdbx_overall_ESU_R                       ? 
_refine.pdbx_overall_ESU_R_Free                  ? 
_refine.pdbx_solvent_vdw_probe_radii             1.1100 
_refine.pdbx_solvent_ion_probe_radii             ? 
_refine.pdbx_solvent_shrinkage_radii             0.9000 
_refine.pdbx_real_space_R                        ? 
_refine.pdbx_density_correlation                 ? 
_refine.pdbx_pd_number_of_powder_patterns        ? 
_refine.pdbx_pd_number_of_points                 ? 
_refine.pdbx_pd_meas_number_of_points            ? 
_refine.pdbx_pd_proc_ls_prof_R_factor            ? 
_refine.pdbx_pd_proc_ls_prof_wR_factor           ? 
_refine.pdbx_pd_Marquardt_correlation_coeff      ? 
_refine.pdbx_pd_Fsqrd_R_factor                   ? 
_refine.pdbx_pd_ls_matrix_band_width             ? 
_refine.pdbx_overall_phase_error                 20.3100 
_refine.pdbx_overall_SU_R_free_Cruickshank_DPI   ? 
_refine.pdbx_overall_SU_R_free_Blow_DPI          ? 
_refine.pdbx_overall_SU_R_Blow_DPI               ? 
_refine.pdbx_TLS_residual_ADP_flag               ? 
_refine.pdbx_diffrn_id                           1 
_refine.overall_SU_B                             ? 
_refine.overall_SU_ML                            0.1100 
_refine.overall_SU_R_Cruickshank_DPI             ? 
_refine.overall_SU_R_free                        ? 
_refine.overall_FOM_free_R_set                   ? 
_refine.overall_FOM_work_R_set                   ? 
_refine.pdbx_average_fsc_overall                 ? 
_refine.pdbx_average_fsc_work                    ? 
_refine.pdbx_average_fsc_free                    ? 
# 
_refine_hist.pdbx_refine_id                   'X-RAY DIFFRACTION' 
_refine_hist.cycle_id                         final 
_refine_hist.details                          ? 
_refine_hist.d_res_high                       1.4980 
_refine_hist.d_res_low                        17.42 
_refine_hist.number_atoms_solvent             128 
_refine_hist.number_atoms_total               670 
_refine_hist.number_reflns_all                ? 
_refine_hist.number_reflns_obs                ? 
_refine_hist.number_reflns_R_free             ? 
_refine_hist.number_reflns_R_work             ? 
_refine_hist.R_factor_all                     ? 
_refine_hist.R_factor_obs                     ? 
_refine_hist.R_factor_R_free                  ? 
_refine_hist.R_factor_R_work                  ? 
_refine_hist.pdbx_number_residues_total       68 
_refine_hist.pdbx_B_iso_mean_ligand           ? 
_refine_hist.pdbx_B_iso_mean_solvent          24.61 
_refine_hist.pdbx_number_atoms_protein        542 
_refine_hist.pdbx_number_atoms_nucleic_acid   0 
_refine_hist.pdbx_number_atoms_ligand         0 
_refine_hist.pdbx_number_atoms_lipid          ? 
_refine_hist.pdbx_number_atoms_carb           ? 
_refine_hist.pdbx_pseudo_atom_details         ? 
# 
loop_
_refine_ls_shell.pdbx_refine_id 
_refine_ls_shell.d_res_high 
_refine_ls_shell.d_res_low 
_refine_ls_shell.number_reflns_all 
_refine_ls_shell.number_reflns_obs 
_refine_ls_shell.number_reflns_R_free 
_refine_ls_shell.number_reflns_R_work 
_refine_ls_shell.percent_reflns_obs 
_refine_ls_shell.percent_reflns_R_free 
_refine_ls_shell.R_factor_all 
_refine_ls_shell.R_factor_obs 
_refine_ls_shell.R_factor_R_free 
_refine_ls_shell.R_factor_R_free_error 
_refine_ls_shell.R_factor_R_work 
_refine_ls_shell.redundancy_reflns_all 
_refine_ls_shell.redundancy_reflns_obs 
_refine_ls_shell.wR_factor_all 
_refine_ls_shell.wR_factor_obs 
_refine_ls_shell.wR_factor_R_free 
_refine_ls_shell.wR_factor_R_work 
_refine_ls_shell.pdbx_total_number_of_bins_used 
_refine_ls_shell.pdbx_phase_error 
_refine_ls_shell.pdbx_fsc_work 
_refine_ls_shell.pdbx_fsc_free 
'X-RAY DIFFRACTION' 1.4981 1.5386 . . 101 950  72.0000  . . . 0.2305 0.0000 0.2159 . . . . . . . . . . 
'X-RAY DIFFRACTION' 1.5386 1.5838 . . 145 1227 97.0000  . . . 0.2377 0.0000 0.1935 . . . . . . . . . . 
'X-RAY DIFFRACTION' 1.5838 1.6349 . . 138 1204 99.0000  . . . 0.2089 0.0000 0.1931 . . . . . . . . . . 
'X-RAY DIFFRACTION' 1.6349 1.6933 . . 138 1264 99.0000  . . . 0.2651 0.0000 0.1833 . . . . . . . . . . 
'X-RAY DIFFRACTION' 1.6933 1.7610 . . 142 1245 100.0000 . . . 0.2386 0.0000 0.1944 . . . . . . . . . . 
'X-RAY DIFFRACTION' 1.7610 1.8411 . . 137 1262 100.0000 . . . 0.2139 0.0000 0.1870 . . . . . . . . . . 
'X-RAY DIFFRACTION' 1.8411 1.9381 . . 135 1289 100.0000 . . . 0.2586 0.0000 0.1730 . . . . . . . . . . 
'X-RAY DIFFRACTION' 1.9381 2.0594 . . 138 1259 100.0000 . . . 0.2031 0.0000 0.1739 . . . . . . . . . . 
'X-RAY DIFFRACTION' 2.0594 2.2182 . . 136 1248 100.0000 . . . 0.1666 0.0000 0.1570 . . . . . . . . . . 
'X-RAY DIFFRACTION' 2.2182 2.4410 . . 136 1268 100.0000 . . . 0.2029 0.0000 0.1530 . . . . . . . . . . 
'X-RAY DIFFRACTION' 2.4410 2.7933 . . 132 1250 100.0000 . . . 0.1712 0.0000 0.1860 . . . . . . . . . . 
'X-RAY DIFFRACTION' 2.7933 3.5156 . . 142 1284 100.0000 . . . 0.1826 0.0000 0.1711 . . . . . . . . . . 
'X-RAY DIFFRACTION' 3.5156 17.42  . . 138 1261 99.0000  . . . 0.1748 0.0000 0.1721 . . . . . . . . . . 
# 
_struct.entry_id                     6Q1W 
_struct.title                        'Coiled-coil Trimer with Glu:Val:Lys Triad' 
_struct.pdbx_model_details           ? 
_struct.pdbx_formula_weight          ? 
_struct.pdbx_formula_weight_method   ? 
_struct.pdbx_model_type_details      ? 
_struct.pdbx_CASP_flag               N 
# 
_struct_keywords.entry_id        6Q1W 
_struct_keywords.text            'Trimer, Helix, DE NOVO PROTEIN' 
_struct_keywords.pdbx_keywords   'DE NOVO PROTEIN' 
# 
loop_
_struct_asym.id 
_struct_asym.pdbx_blank_PDB_chainid_flag 
_struct_asym.pdbx_modified 
_struct_asym.entity_id 
_struct_asym.details 
A N N 1 ? 
B N N 1 ? 
C N N 2 ? 
D N N 2 ? 
# 
_struct_ref.id                         1 
_struct_ref.db_name                    PDB 
_struct_ref.db_code                    6Q1W 
_struct_ref.pdbx_db_accession          6Q1W 
_struct_ref.pdbx_db_isoform            ? 
_struct_ref.entity_id                  1 
_struct_ref.pdbx_seq_one_letter_code   ? 
_struct_ref.pdbx_align_begin           1 
# 
loop_
_struct_ref_seq.align_id 
_struct_ref_seq.ref_id 
_struct_ref_seq.pdbx_PDB_id_code 
_struct_ref_seq.pdbx_strand_id 
_struct_ref_seq.seq_align_beg 
_struct_ref_seq.pdbx_seq_align_beg_ins_code 
_struct_ref_seq.seq_align_end 
_struct_ref_seq.pdbx_seq_align_end_ins_code 
_struct_ref_seq.pdbx_db_accession 
_struct_ref_seq.db_align_beg 
_struct_ref_seq.pdbx_db_align_beg_ins_code 
_struct_ref_seq.db_align_end 
_struct_ref_seq.pdbx_db_align_end_ins_code 
_struct_ref_seq.pdbx_auth_seq_align_beg 
_struct_ref_seq.pdbx_auth_seq_align_end 
1 1 6Q1W A 1 ? 34 ? 6Q1W 0 ? 33 ? 0 33 
2 1 6Q1W B 1 ? 34 ? 6Q1W 0 ? 33 ? 0 33 
# 
loop_
_pdbx_struct_assembly.id 
_pdbx_struct_assembly.details 
_pdbx_struct_assembly.method_details 
_pdbx_struct_assembly.oligomeric_details 
_pdbx_struct_assembly.oligomeric_count 
1 author_and_software_defined_assembly PISA trimeric 3 
2 author_and_software_defined_assembly PISA trimeric 3 
# 
loop_
_pdbx_struct_assembly_prop.biol_id 
_pdbx_struct_assembly_prop.type 
_pdbx_struct_assembly_prop.value 
_pdbx_struct_assembly_prop.details 
1 'ABSA (A^2)' 3760 ? 
1 MORE         -28  ? 
1 'SSA (A^2)'  6780 ? 
2 'ABSA (A^2)' 3840 ? 
2 MORE         -28  ? 
2 'SSA (A^2)'  6640 ? 
# 
loop_
_pdbx_struct_assembly_gen.assembly_id 
_pdbx_struct_assembly_gen.oper_expression 
_pdbx_struct_assembly_gen.asym_id_list 
1 1,2,4 A,C 
2 1,3,5 B,D 
# 
_pdbx_struct_assembly_auth_evidence.id                     1 
_pdbx_struct_assembly_auth_evidence.assembly_id            1 
_pdbx_struct_assembly_auth_evidence.experimental_support   'gel filtration' 
_pdbx_struct_assembly_auth_evidence.details                'Size Exclusion Chromatography through HPLC' 
# 
loop_
_pdbx_struct_oper_list.id 
_pdbx_struct_oper_list.type 
_pdbx_struct_oper_list.name 
_pdbx_struct_oper_list.symmetry_operation 
_pdbx_struct_oper_list.matrix[1][1] 
_pdbx_struct_oper_list.matrix[1][2] 
_pdbx_struct_oper_list.matrix[1][3] 
_pdbx_struct_oper_list.vector[1] 
_pdbx_struct_oper_list.matrix[2][1] 
_pdbx_struct_oper_list.matrix[2][2] 
_pdbx_struct_oper_list.matrix[2][3] 
_pdbx_struct_oper_list.vector[2] 
_pdbx_struct_oper_list.matrix[3][1] 
_pdbx_struct_oper_list.matrix[3][2] 
_pdbx_struct_oper_list.matrix[3][3] 
_pdbx_struct_oper_list.vector[3] 
1 'identity operation'         1_555 x,y,z       1.0000000000  0.0000000000  0.0000000000  0.0000000000   0.0000000000  1.0000000000 0.0000000000 0.0000000000  0.0000000000  0.0000000000 1.0000000000  0.0000000000   
2 'crystal symmetry operation' 2_545 -y,x-y-1,z  -0.4986771016 0.4065138824  -0.7655505286 17.5852723483  -0.4829163500 0.6031340325 0.6348394583 4.2556491835  0.7198006303  0.6862767680 -0.1044569309 -6.0899597848  
3 'crystal symmetry operation' 2_555 -y,x-y,z    -0.4986771016 0.4065138824  -0.7655505286 -18.2672907447 -0.4829163500 0.6031340325 0.6348394583 -3.3133593131 0.7198006303  0.6862767680 -0.1044569309 4.4768905521   
4 'crystal symmetry operation' 3_655 -x+y+1,-x,z -0.4986771016 -0.4829163500 0.7198006303  15.2080521071  0.4065138824  0.6031340325 0.6862767680 -5.5359862696 -0.7655505286 0.6348394583 -0.1044569309 10.1246220102  
5 'crystal symmetry operation' 3_555 -x+y,-x,z   -0.4986771016 -0.4829163500 0.7198006303  -13.9320236287 0.4065138824  0.6031340325 0.6862767680 6.3519210662  -0.7655505286 0.6348394583 -0.1044569309 -11.4134406067 
# 
loop_
_struct_conf.conf_type_id 
_struct_conf.id 
_struct_conf.pdbx_PDB_helix_id 
_struct_conf.beg_label_comp_id 
_struct_conf.beg_label_asym_id 
_struct_conf.beg_label_seq_id 
_struct_conf.pdbx_beg_PDB_ins_code 
_struct_conf.end_label_comp_id 
_struct_conf.end_label_asym_id 
_struct_conf.end_label_seq_id 
_struct_conf.pdbx_end_PDB_ins_code 
_struct_conf.beg_auth_comp_id 
_struct_conf.beg_auth_asym_id 
_struct_conf.beg_auth_seq_id 
_struct_conf.end_auth_comp_id 
_struct_conf.end_auth_asym_id 
_struct_conf.end_auth_seq_id 
_struct_conf.pdbx_PDB_helix_class 
_struct_conf.details 
_struct_conf.pdbx_PDB_helix_length 
HELX_P HELX_P1 AA1 GLU A 2  ? GLY A 30 ? GLU A 1  GLY A 29 1 ? 29 
HELX_P HELX_P2 AA2 TRP A 31 ? ARG A 34 ? TRP A 30 ARG A 33 5 ? 4  
HELX_P HELX_P3 AA3 GLU B 2  ? GLY B 30 ? GLU B 1  GLY B 29 1 ? 29 
HELX_P HELX_P4 AA4 TRP B 31 ? ARG B 34 ? TRP B 30 ARG B 33 5 ? 4  
# 
_struct_conf_type.id          HELX_P 
_struct_conf_type.criteria    ? 
_struct_conf_type.reference   ? 
# 
loop_
_struct_conn.id 
_struct_conn.conn_type_id 
_struct_conn.pdbx_leaving_atom_flag 
_struct_conn.pdbx_PDB_id 
_struct_conn.ptnr1_label_asym_id 
_struct_conn.ptnr1_label_comp_id 
_struct_conn.ptnr1_label_seq_id 
_struct_conn.ptnr1_label_atom_id 
_struct_conn.pdbx_ptnr1_label_alt_id 
_struct_conn.pdbx_ptnr1_PDB_ins_code 
_struct_conn.pdbx_ptnr1_standard_comp_id 
_struct_conn.ptnr1_symmetry 
_struct_conn.ptnr2_label_asym_id 
_struct_conn.ptnr2_label_comp_id 
_struct_conn.ptnr2_label_seq_id 
_struct_conn.ptnr2_label_atom_id 
_struct_conn.pdbx_ptnr2_label_alt_id 
_struct_conn.pdbx_ptnr2_PDB_ins_code 
_struct_conn.ptnr1_auth_asym_id 
_struct_conn.ptnr1_auth_comp_id 
_struct_conn.ptnr1_auth_seq_id 
_struct_conn.ptnr2_auth_asym_id 
_struct_conn.ptnr2_auth_comp_id 
_struct_conn.ptnr2_auth_seq_id 
_struct_conn.ptnr2_symmetry 
_struct_conn.pdbx_ptnr3_label_atom_id 
_struct_conn.pdbx_ptnr3_label_seq_id 
_struct_conn.pdbx_ptnr3_label_comp_id 
_struct_conn.pdbx_ptnr3_label_asym_id 
_struct_conn.pdbx_ptnr3_label_alt_id 
_struct_conn.pdbx_ptnr3_PDB_ins_code 
_struct_conn.details 
_struct_conn.pdbx_dist_value 
_struct_conn.pdbx_value_order 
_struct_conn.pdbx_role 
covale1 covale both ? A ACE 1 C ? ? ? 1_555 A GLU 2 N ? ? A ACE 0 A GLU 1 1_555 ? ? ? ? ? ? ? 1.330 ? ? 
covale2 covale both ? B ACE 1 C ? ? ? 1_555 B GLU 2 N ? ? B ACE 0 B GLU 1 1_555 ? ? ? ? ? ? ? 1.328 ? ? 
# 
_struct_conn_type.id          covale 
_struct_conn_type.criteria    ? 
_struct_conn_type.reference   ? 
# 
loop_
_pdbx_modification_feature.ordinal 
_pdbx_modification_feature.label_comp_id 
_pdbx_modification_feature.label_asym_id 
_pdbx_modification_feature.label_seq_id 
_pdbx_modification_feature.label_alt_id 
_pdbx_modification_feature.modified_residue_label_comp_id 
_pdbx_modification_feature.modified_residue_label_asym_id 
_pdbx_modification_feature.modified_residue_label_seq_id 
_pdbx_modification_feature.modified_residue_label_alt_id 
_pdbx_modification_feature.auth_comp_id 
_pdbx_modification_feature.auth_asym_id 
_pdbx_modification_feature.auth_seq_id 
_pdbx_modification_feature.PDB_ins_code 
_pdbx_modification_feature.symmetry 
_pdbx_modification_feature.modified_residue_auth_comp_id 
_pdbx_modification_feature.modified_residue_auth_asym_id 
_pdbx_modification_feature.modified_residue_auth_seq_id 
_pdbx_modification_feature.modified_residue_PDB_ins_code 
_pdbx_modification_feature.modified_residue_symmetry 
_pdbx_modification_feature.comp_id_linking_atom 
_pdbx_modification_feature.modified_residue_id_linking_atom 
_pdbx_modification_feature.modified_residue_id 
_pdbx_modification_feature.ref_pcm_id 
_pdbx_modification_feature.ref_comp_id 
_pdbx_modification_feature.type 
_pdbx_modification_feature.category 
1 ACE A 1 ? GLU A 2 ? ACE A 0 ? 1_555 GLU A 1 ? 1_555 . . GLU 10 ACE None 'Terminal acetylation' 
2 ACE B 1 ? GLU B 2 ? ACE B 0 ? 1_555 GLU B 1 ? 1_555 . . GLU 10 ACE None 'Terminal acetylation' 
# 
_pdbx_entry_details.entry_id                   6Q1W 
_pdbx_entry_details.has_ligand_of_interest     N 
_pdbx_entry_details.compound_details           ? 
_pdbx_entry_details.source_details             ? 
_pdbx_entry_details.nonpolymer_details         ? 
_pdbx_entry_details.sequence_details           ? 
_pdbx_entry_details.has_protein_modification   Y 
# 
loop_
_pdbx_validate_close_contact.id 
_pdbx_validate_close_contact.PDB_model_num 
_pdbx_validate_close_contact.auth_atom_id_1 
_pdbx_validate_close_contact.auth_asym_id_1 
_pdbx_validate_close_contact.auth_comp_id_1 
_pdbx_validate_close_contact.auth_seq_id_1 
_pdbx_validate_close_contact.PDB_ins_code_1 
_pdbx_validate_close_contact.label_alt_id_1 
_pdbx_validate_close_contact.auth_atom_id_2 
_pdbx_validate_close_contact.auth_asym_id_2 
_pdbx_validate_close_contact.auth_comp_id_2 
_pdbx_validate_close_contact.auth_seq_id_2 
_pdbx_validate_close_contact.PDB_ins_code_2 
_pdbx_validate_close_contact.label_alt_id_2 
_pdbx_validate_close_contact.dist 
1  1 NZ  B LYS 7   ? ? O B HOH 101 ? ? 1.81 
2  1 O   B HOH 134 ? ? O B HOH 143 ? ? 1.86 
3  1 O   B HOH 120 ? ? O B HOH 144 ? ? 1.88 
4  1 O   A HOH 155 ? ? O A HOH 161 ? ? 1.91 
5  1 O   A HOH 131 ? ? O A HOH 133 ? ? 1.93 
6  1 OE2 B GLU 1   ? ? O B HOH 102 ? ? 2.00 
7  1 OE2 A GLU 10  ? ? O A HOH 101 ? ? 2.05 
8  1 OE1 A GLU 1   ? ? O A HOH 102 ? ? 2.15 
9  1 O   A HOH 102 ? ? O A HOH 143 ? ? 2.15 
10 1 O   A HOH 123 ? ? O A HOH 151 ? ? 2.19 
# 
loop_
_pdbx_validate_symm_contact.id 
_pdbx_validate_symm_contact.PDB_model_num 
_pdbx_validate_symm_contact.auth_atom_id_1 
_pdbx_validate_symm_contact.auth_asym_id_1 
_pdbx_validate_symm_contact.auth_comp_id_1 
_pdbx_validate_symm_contact.auth_seq_id_1 
_pdbx_validate_symm_contact.PDB_ins_code_1 
_pdbx_validate_symm_contact.label_alt_id_1 
_pdbx_validate_symm_contact.site_symmetry_1 
_pdbx_validate_symm_contact.auth_atom_id_2 
_pdbx_validate_symm_contact.auth_asym_id_2 
_pdbx_validate_symm_contact.auth_comp_id_2 
_pdbx_validate_symm_contact.auth_seq_id_2 
_pdbx_validate_symm_contact.PDB_ins_code_2 
_pdbx_validate_symm_contact.label_alt_id_2 
_pdbx_validate_symm_contact.site_symmetry_2 
_pdbx_validate_symm_contact.dist 
1 1 O B HOH 114 ? ? 1_555 O B HOH 159 ? ? 3_555 2.03 
2 1 O A HOH 104 ? ? 1_555 O B HOH 107 ? ? 6_555 2.10 
3 1 O A HOH 149 ? ? 1_555 O B HOH 143 ? ? 2_545 2.12 
4 1 O B HOH 158 ? ? 1_555 O B HOH 166 ? ? 3_555 2.15 
5 1 O A HOH 123 ? ? 1_555 O A HOH 138 ? ? 5_445 2.17 
6 1 O A HOH 138 ? ? 1_555 O A HOH 151 ? ? 9_544 2.19 
# 
_pdbx_struct_special_symmetry.id              1 
_pdbx_struct_special_symmetry.PDB_model_num   1 
_pdbx_struct_special_symmetry.auth_asym_id    A 
_pdbx_struct_special_symmetry.auth_comp_id    HOH 
_pdbx_struct_special_symmetry.auth_seq_id     162 
_pdbx_struct_special_symmetry.PDB_ins_code    ? 
_pdbx_struct_special_symmetry.label_asym_id   C 
_pdbx_struct_special_symmetry.label_comp_id   HOH 
_pdbx_struct_special_symmetry.label_seq_id    . 
# 
_pdbx_distant_solvent_atoms.id                                1 
_pdbx_distant_solvent_atoms.PDB_model_num                     1 
_pdbx_distant_solvent_atoms.auth_atom_id                      O 
_pdbx_distant_solvent_atoms.label_alt_id                      ? 
_pdbx_distant_solvent_atoms.auth_asym_id                      A 
_pdbx_distant_solvent_atoms.auth_comp_id                      HOH 
_pdbx_distant_solvent_atoms.auth_seq_id                       162 
_pdbx_distant_solvent_atoms.PDB_ins_code                      ? 
_pdbx_distant_solvent_atoms.neighbor_macromolecule_distance   6.70 
_pdbx_distant_solvent_atoms.neighbor_ligand_distance          . 
# 
loop_
_chem_comp_atom.comp_id 
_chem_comp_atom.atom_id 
_chem_comp_atom.type_symbol 
_chem_comp_atom.pdbx_aromatic_flag 
_chem_comp_atom.pdbx_stereo_config 
_chem_comp_atom.pdbx_ordinal 
ACE C    C N N 1   
ACE O    O N N 2   
ACE CH3  C N N 3   
ACE H    H N N 4   
ACE H1   H N N 5   
ACE H2   H N N 6   
ACE H3   H N N 7   
ALA N    N N N 8   
ALA CA   C N S 9   
ALA C    C N N 10  
ALA O    O N N 11  
ALA CB   C N N 12  
ALA OXT  O N N 13  
ALA H    H N N 14  
ALA H2   H N N 15  
ALA HA   H N N 16  
ALA HB1  H N N 17  
ALA HB2  H N N 18  
ALA HB3  H N N 19  
ALA HXT  H N N 20  
ARG N    N N N 21  
ARG CA   C N S 22  
ARG C    C N N 23  
ARG O    O N N 24  
ARG CB   C N N 25  
ARG CG   C N N 26  
ARG CD   C N N 27  
ARG NE   N N N 28  
ARG CZ   C N N 29  
ARG NH1  N N N 30  
ARG NH2  N N N 31  
ARG OXT  O N N 32  
ARG H    H N N 33  
ARG H2   H N N 34  
ARG HA   H N N 35  
ARG HB2  H N N 36  
ARG HB3  H N N 37  
ARG HG2  H N N 38  
ARG HG3  H N N 39  
ARG HD2  H N N 40  
ARG HD3  H N N 41  
ARG HE   H N N 42  
ARG HH11 H N N 43  
ARG HH12 H N N 44  
ARG HH21 H N N 45  
ARG HH22 H N N 46  
ARG HXT  H N N 47  
ASP N    N N N 48  
ASP CA   C N S 49  
ASP C    C N N 50  
ASP O    O N N 51  
ASP CB   C N N 52  
ASP CG   C N N 53  
ASP OD1  O N N 54  
ASP OD2  O N N 55  
ASP OXT  O N N 56  
ASP H    H N N 57  
ASP H2   H N N 58  
ASP HA   H N N 59  
ASP HB2  H N N 60  
ASP HB3  H N N 61  
ASP HD2  H N N 62  
ASP HXT  H N N 63  
GLN N    N N N 64  
GLN CA   C N S 65  
GLN C    C N N 66  
GLN O    O N N 67  
GLN CB   C N N 68  
GLN CG   C N N 69  
GLN CD   C N N 70  
GLN OE1  O N N 71  
GLN NE2  N N N 72  
GLN OXT  O N N 73  
GLN H    H N N 74  
GLN H2   H N N 75  
GLN HA   H N N 76  
GLN HB2  H N N 77  
GLN HB3  H N N 78  
GLN HG2  H N N 79  
GLN HG3  H N N 80  
GLN HE21 H N N 81  
GLN HE22 H N N 82  
GLN HXT  H N N 83  
GLU N    N N N 84  
GLU CA   C N S 85  
GLU C    C N N 86  
GLU O    O N N 87  
GLU CB   C N N 88  
GLU CG   C N N 89  
GLU CD   C N N 90  
GLU OE1  O N N 91  
GLU OE2  O N N 92  
GLU OXT  O N N 93  
GLU H    H N N 94  
GLU H2   H N N 95  
GLU HA   H N N 96  
GLU HB2  H N N 97  
GLU HB3  H N N 98  
GLU HG2  H N N 99  
GLU HG3  H N N 100 
GLU HE2  H N N 101 
GLU HXT  H N N 102 
GLY N    N N N 103 
GLY CA   C N N 104 
GLY C    C N N 105 
GLY O    O N N 106 
GLY OXT  O N N 107 
GLY H    H N N 108 
GLY H2   H N N 109 
GLY HA2  H N N 110 
GLY HA3  H N N 111 
GLY HXT  H N N 112 
HIS N    N N N 113 
HIS CA   C N S 114 
HIS C    C N N 115 
HIS O    O N N 116 
HIS CB   C N N 117 
HIS CG   C Y N 118 
HIS ND1  N Y N 119 
HIS CD2  C Y N 120 
HIS CE1  C Y N 121 
HIS NE2  N Y N 122 
HIS OXT  O N N 123 
HIS H    H N N 124 
HIS H2   H N N 125 
HIS HA   H N N 126 
HIS HB2  H N N 127 
HIS HB3  H N N 128 
HIS HD1  H N N 129 
HIS HD2  H N N 130 
HIS HE1  H N N 131 
HIS HE2  H N N 132 
HIS HXT  H N N 133 
HOH O    O N N 134 
HOH H1   H N N 135 
HOH H2   H N N 136 
LEU N    N N N 137 
LEU CA   C N S 138 
LEU C    C N N 139 
LEU O    O N N 140 
LEU CB   C N N 141 
LEU CG   C N N 142 
LEU CD1  C N N 143 
LEU CD2  C N N 144 
LEU OXT  O N N 145 
LEU H    H N N 146 
LEU H2   H N N 147 
LEU HA   H N N 148 
LEU HB2  H N N 149 
LEU HB3  H N N 150 
LEU HG   H N N 151 
LEU HD11 H N N 152 
LEU HD12 H N N 153 
LEU HD13 H N N 154 
LEU HD21 H N N 155 
LEU HD22 H N N 156 
LEU HD23 H N N 157 
LEU HXT  H N N 158 
LYS N    N N N 159 
LYS CA   C N S 160 
LYS C    C N N 161 
LYS O    O N N 162 
LYS CB   C N N 163 
LYS CG   C N N 164 
LYS CD   C N N 165 
LYS CE   C N N 166 
LYS NZ   N N N 167 
LYS OXT  O N N 168 
LYS H    H N N 169 
LYS H2   H N N 170 
LYS HA   H N N 171 
LYS HB2  H N N 172 
LYS HB3  H N N 173 
LYS HG2  H N N 174 
LYS HG3  H N N 175 
LYS HD2  H N N 176 
LYS HD3  H N N 177 
LYS HE2  H N N 178 
LYS HE3  H N N 179 
LYS HZ1  H N N 180 
LYS HZ2  H N N 181 
LYS HZ3  H N N 182 
LYS HXT  H N N 183 
TRP N    N N N 184 
TRP CA   C N S 185 
TRP C    C N N 186 
TRP O    O N N 187 
TRP CB   C N N 188 
TRP CG   C Y N 189 
TRP CD1  C Y N 190 
TRP CD2  C Y N 191 
TRP NE1  N Y N 192 
TRP CE2  C Y N 193 
TRP CE3  C Y N 194 
TRP CZ2  C Y N 195 
TRP CZ3  C Y N 196 
TRP CH2  C Y N 197 
TRP OXT  O N N 198 
TRP H    H N N 199 
TRP H2   H N N 200 
TRP HA   H N N 201 
TRP HB2  H N N 202 
TRP HB3  H N N 203 
TRP HD1  H N N 204 
TRP HE1  H N N 205 
TRP HE3  H N N 206 
TRP HZ2  H N N 207 
TRP HZ3  H N N 208 
TRP HH2  H N N 209 
TRP HXT  H N N 210 
VAL N    N N N 211 
VAL CA   C N S 212 
VAL C    C N N 213 
VAL O    O N N 214 
VAL CB   C N N 215 
VAL CG1  C N N 216 
VAL CG2  C N N 217 
VAL OXT  O N N 218 
VAL H    H N N 219 
VAL H2   H N N 220 
VAL HA   H N N 221 
VAL HB   H N N 222 
VAL HG11 H N N 223 
VAL HG12 H N N 224 
VAL HG13 H N N 225 
VAL HG21 H N N 226 
VAL HG22 H N N 227 
VAL HG23 H N N 228 
VAL HXT  H N N 229 
# 
loop_
_chem_comp_bond.comp_id 
_chem_comp_bond.atom_id_1 
_chem_comp_bond.atom_id_2 
_chem_comp_bond.value_order 
_chem_comp_bond.pdbx_aromatic_flag 
_chem_comp_bond.pdbx_stereo_config 
_chem_comp_bond.pdbx_ordinal 
ACE C   O    doub N N 1   
ACE C   CH3  sing N N 2   
ACE C   H    sing N N 3   
ACE CH3 H1   sing N N 4   
ACE CH3 H2   sing N N 5   
ACE CH3 H3   sing N N 6   
ALA N   CA   sing N N 7   
ALA N   H    sing N N 8   
ALA N   H2   sing N N 9   
ALA CA  C    sing N N 10  
ALA CA  CB   sing N N 11  
ALA CA  HA   sing N N 12  
ALA C   O    doub N N 13  
ALA C   OXT  sing N N 14  
ALA CB  HB1  sing N N 15  
ALA CB  HB2  sing N N 16  
ALA CB  HB3  sing N N 17  
ALA OXT HXT  sing N N 18  
ARG N   CA   sing N N 19  
ARG N   H    sing N N 20  
ARG N   H2   sing N N 21  
ARG CA  C    sing N N 22  
ARG CA  CB   sing N N 23  
ARG CA  HA   sing N N 24  
ARG C   O    doub N N 25  
ARG C   OXT  sing N N 26  
ARG CB  CG   sing N N 27  
ARG CB  HB2  sing N N 28  
ARG CB  HB3  sing N N 29  
ARG CG  CD   sing N N 30  
ARG CG  HG2  sing N N 31  
ARG CG  HG3  sing N N 32  
ARG CD  NE   sing N N 33  
ARG CD  HD2  sing N N 34  
ARG CD  HD3  sing N N 35  
ARG NE  CZ   sing N N 36  
ARG NE  HE   sing N N 37  
ARG CZ  NH1  sing N N 38  
ARG CZ  NH2  doub N N 39  
ARG NH1 HH11 sing N N 40  
ARG NH1 HH12 sing N N 41  
ARG NH2 HH21 sing N N 42  
ARG NH2 HH22 sing N N 43  
ARG OXT HXT  sing N N 44  
ASP N   CA   sing N N 45  
ASP N   H    sing N N 46  
ASP N   H2   sing N N 47  
ASP CA  C    sing N N 48  
ASP CA  CB   sing N N 49  
ASP CA  HA   sing N N 50  
ASP C   O    doub N N 51  
ASP C   OXT  sing N N 52  
ASP CB  CG   sing N N 53  
ASP CB  HB2  sing N N 54  
ASP CB  HB3  sing N N 55  
ASP CG  OD1  doub N N 56  
ASP CG  OD2  sing N N 57  
ASP OD2 HD2  sing N N 58  
ASP OXT HXT  sing N N 59  
GLN N   CA   sing N N 60  
GLN N   H    sing N N 61  
GLN N   H2   sing N N 62  
GLN CA  C    sing N N 63  
GLN CA  CB   sing N N 64  
GLN CA  HA   sing N N 65  
GLN C   O    doub N N 66  
GLN C   OXT  sing N N 67  
GLN CB  CG   sing N N 68  
GLN CB  HB2  sing N N 69  
GLN CB  HB3  sing N N 70  
GLN CG  CD   sing N N 71  
GLN CG  HG2  sing N N 72  
GLN CG  HG3  sing N N 73  
GLN CD  OE1  doub N N 74  
GLN CD  NE2  sing N N 75  
GLN NE2 HE21 sing N N 76  
GLN NE2 HE22 sing N N 77  
GLN OXT HXT  sing N N 78  
GLU N   CA   sing N N 79  
GLU N   H    sing N N 80  
GLU N   H2   sing N N 81  
GLU CA  C    sing N N 82  
GLU CA  CB   sing N N 83  
GLU CA  HA   sing N N 84  
GLU C   O    doub N N 85  
GLU C   OXT  sing N N 86  
GLU CB  CG   sing N N 87  
GLU CB  HB2  sing N N 88  
GLU CB  HB3  sing N N 89  
GLU CG  CD   sing N N 90  
GLU CG  HG2  sing N N 91  
GLU CG  HG3  sing N N 92  
GLU CD  OE1  doub N N 93  
GLU CD  OE2  sing N N 94  
GLU OE2 HE2  sing N N 95  
GLU OXT HXT  sing N N 96  
GLY N   CA   sing N N 97  
GLY N   H    sing N N 98  
GLY N   H2   sing N N 99  
GLY CA  C    sing N N 100 
GLY CA  HA2  sing N N 101 
GLY CA  HA3  sing N N 102 
GLY C   O    doub N N 103 
GLY C   OXT  sing N N 104 
GLY OXT HXT  sing N N 105 
HIS N   CA   sing N N 106 
HIS N   H    sing N N 107 
HIS N   H2   sing N N 108 
HIS CA  C    sing N N 109 
HIS CA  CB   sing N N 110 
HIS CA  HA   sing N N 111 
HIS C   O    doub N N 112 
HIS C   OXT  sing N N 113 
HIS CB  CG   sing N N 114 
HIS CB  HB2  sing N N 115 
HIS CB  HB3  sing N N 116 
HIS CG  ND1  sing Y N 117 
HIS CG  CD2  doub Y N 118 
HIS ND1 CE1  doub Y N 119 
HIS ND1 HD1  sing N N 120 
HIS CD2 NE2  sing Y N 121 
HIS CD2 HD2  sing N N 122 
HIS CE1 NE2  sing Y N 123 
HIS CE1 HE1  sing N N 124 
HIS NE2 HE2  sing N N 125 
HIS OXT HXT  sing N N 126 
HOH O   H1   sing N N 127 
HOH O   H2   sing N N 128 
LEU N   CA   sing N N 129 
LEU N   H    sing N N 130 
LEU N   H2   sing N N 131 
LEU CA  C    sing N N 132 
LEU CA  CB   sing N N 133 
LEU CA  HA   sing N N 134 
LEU C   O    doub N N 135 
LEU C   OXT  sing N N 136 
LEU CB  CG   sing N N 137 
LEU CB  HB2  sing N N 138 
LEU CB  HB3  sing N N 139 
LEU CG  CD1  sing N N 140 
LEU CG  CD2  sing N N 141 
LEU CG  HG   sing N N 142 
LEU CD1 HD11 sing N N 143 
LEU CD1 HD12 sing N N 144 
LEU CD1 HD13 sing N N 145 
LEU CD2 HD21 sing N N 146 
LEU CD2 HD22 sing N N 147 
LEU CD2 HD23 sing N N 148 
LEU OXT HXT  sing N N 149 
LYS N   CA   sing N N 150 
LYS N   H    sing N N 151 
LYS N   H2   sing N N 152 
LYS CA  C    sing N N 153 
LYS CA  CB   sing N N 154 
LYS CA  HA   sing N N 155 
LYS C   O    doub N N 156 
LYS C   OXT  sing N N 157 
LYS CB  CG   sing N N 158 
LYS CB  HB2  sing N N 159 
LYS CB  HB3  sing N N 160 
LYS CG  CD   sing N N 161 
LYS CG  HG2  sing N N 162 
LYS CG  HG3  sing N N 163 
LYS CD  CE   sing N N 164 
LYS CD  HD2  sing N N 165 
LYS CD  HD3  sing N N 166 
LYS CE  NZ   sing N N 167 
LYS CE  HE2  sing N N 168 
LYS CE  HE3  sing N N 169 
LYS NZ  HZ1  sing N N 170 
LYS NZ  HZ2  sing N N 171 
LYS NZ  HZ3  sing N N 172 
LYS OXT HXT  sing N N 173 
TRP N   CA   sing N N 174 
TRP N   H    sing N N 175 
TRP N   H2   sing N N 176 
TRP CA  C    sing N N 177 
TRP CA  CB   sing N N 178 
TRP CA  HA   sing N N 179 
TRP C   O    doub N N 180 
TRP C   OXT  sing N N 181 
TRP CB  CG   sing N N 182 
TRP CB  HB2  sing N N 183 
TRP CB  HB3  sing N N 184 
TRP CG  CD1  doub Y N 185 
TRP CG  CD2  sing Y N 186 
TRP CD1 NE1  sing Y N 187 
TRP CD1 HD1  sing N N 188 
TRP CD2 CE2  doub Y N 189 
TRP CD2 CE3  sing Y N 190 
TRP NE1 CE2  sing Y N 191 
TRP NE1 HE1  sing N N 192 
TRP CE2 CZ2  sing Y N 193 
TRP CE3 CZ3  doub Y N 194 
TRP CE3 HE3  sing N N 195 
TRP CZ2 CH2  doub Y N 196 
TRP CZ2 HZ2  sing N N 197 
TRP CZ3 CH2  sing Y N 198 
TRP CZ3 HZ3  sing N N 199 
TRP CH2 HH2  sing N N 200 
TRP OXT HXT  sing N N 201 
VAL N   CA   sing N N 202 
VAL N   H    sing N N 203 
VAL N   H2   sing N N 204 
VAL CA  C    sing N N 205 
VAL CA  CB   sing N N 206 
VAL CA  HA   sing N N 207 
VAL C   O    doub N N 208 
VAL C   OXT  sing N N 209 
VAL CB  CG1  sing N N 210 
VAL CB  CG2  sing N N 211 
VAL CB  HB   sing N N 212 
VAL CG1 HG11 sing N N 213 
VAL CG1 HG12 sing N N 214 
VAL CG1 HG13 sing N N 215 
VAL CG2 HG21 sing N N 216 
VAL CG2 HG22 sing N N 217 
VAL CG2 HG23 sing N N 218 
VAL OXT HXT  sing N N 219 
# 
_pdbx_audit_support.funding_organization   'National Institutes of Health/Office of the Director' 
_pdbx_audit_support.country                'United States' 
_pdbx_audit_support.grant_number           'R15 GM116055-01' 
_pdbx_audit_support.ordinal                1 
# 
_atom_sites.entry_id                    6Q1W 
_atom_sites.Cartn_transf_matrix[1][1]   ? 
_atom_sites.Cartn_transf_matrix[1][2]   ? 
_atom_sites.Cartn_transf_matrix[1][3]   ? 
_atom_sites.Cartn_transf_matrix[2][1]   ? 
_atom_sites.Cartn_transf_matrix[2][2]   ? 
_atom_sites.Cartn_transf_matrix[2][3]   ? 
_atom_sites.Cartn_transf_matrix[3][1]   ? 
_atom_sites.Cartn_transf_matrix[3][2]   ? 
_atom_sites.Cartn_transf_matrix[3][3]   ? 
_atom_sites.Cartn_transf_vector[1]      ? 
_atom_sites.Cartn_transf_vector[2]      ? 
_atom_sites.Cartn_transf_vector[3]      ? 
_atom_sites.fract_transf_matrix[1][1]   0.01028086 
_atom_sites.fract_transf_matrix[1][2]   -0.01436818 
_atom_sites.fract_transf_matrix[1][3]   0.02458947 
_atom_sites.fract_transf_matrix[2][1]   -0.01951123 
_atom_sites.fract_transf_matrix[2][2]   -0.01238831 
_atom_sites.fract_transf_matrix[2][3]   0.01956014 
_atom_sites.fract_transf_matrix[3][1]   0.00028420 
_atom_sites.fract_transf_matrix[3][2]   -0.00820692 
_atom_sites.fract_transf_matrix[3][3]   -0.00491432 
_atom_sites.fract_transf_vector[1]      0.181754 
_atom_sites.fract_transf_vector[2]      -0.151642 
_atom_sites.fract_transf_vector[3]      -0.167312 
_atom_sites.solution_primary            ? 
_atom_sites.solution_secondary          ? 
_atom_sites.solution_hydrogens          ? 
_atom_sites.special_details             ? 
# 
loop_
_atom_type.symbol 
C 
N 
O 
# 
loop_
_atom_site.group_PDB 
_atom_site.id 
_atom_site.type_symbol 
_atom_site.label_atom_id 
_atom_site.label_alt_id 
_atom_site.label_comp_id 
_atom_site.label_asym_id 
_atom_site.label_entity_id 
_atom_site.label_seq_id 
_atom_site.pdbx_PDB_ins_code 
_atom_site.Cartn_x 
_atom_site.Cartn_y 
_atom_site.Cartn_z 
_atom_site.occupancy 
_atom_site.B_iso_or_equiv 
_atom_site.pdbx_formal_charge 
_atom_site.auth_seq_id 
_atom_site.auth_comp_id 
_atom_site.auth_asym_id 
_atom_site.auth_atom_id 
_atom_site.pdbx_PDB_model_num 
HETATM 1   C C   . ACE A 1 1  ? 6.876   14.943  1.974   1.00 15.19 ? 0   ACE A C   1 
HETATM 2   O O   . ACE A 1 1  ? 6.428   13.932  1.436   1.00 17.11 ? 0   ACE A O   1 
HETATM 3   C CH3 . ACE A 1 1  ? 6.039   16.174  2.142   1.00 17.72 ? 0   ACE A CH3 1 
ATOM   4   N N   . GLU A 1 2  ? 8.113   15.033  2.454   1.00 14.08 ? 1   GLU A N   1 
ATOM   5   C CA  . GLU A 1 2  ? 9.095   13.962  2.391   1.00 16.19 ? 1   GLU A CA  1 
ATOM   6   C C   . GLU A 1 2  ? 8.604   12.674  3.032   1.00 12.85 ? 1   GLU A C   1 
ATOM   7   O O   . GLU A 1 2  ? 8.682   11.599  2.432   1.00 13.17 ? 1   GLU A O   1 
ATOM   8   C CB  . GLU A 1 2  ? 10.366  14.400  3.106   1.00 19.59 ? 1   GLU A CB  1 
ATOM   9   C CG  . GLU A 1 2  ? 11.530  14.556  2.200   1.00 23.16 ? 1   GLU A CG  1 
ATOM   10  C CD  . GLU A 1 2  ? 12.779  14.939  2.956   1.00 21.06 ? 1   GLU A CD  1 
ATOM   11  O OE1 . GLU A 1 2  ? 13.871  14.471  2.573   1.00 27.56 ? 1   GLU A OE1 1 
ATOM   12  O OE2 . GLU A 1 2  ? 12.666  15.702  3.935   1.00 26.88 ? 1   GLU A OE2 1 
ATOM   13  N N   . VAL A 1 3  ? 8.128   12.780  4.272   1.00 14.75 ? 2   VAL A N   1 
ATOM   14  C CA  . VAL A 1 3  ? 7.748   11.574  5.000   1.00 13.76 ? 2   VAL A CA  1 
ATOM   15  C C   . VAL A 1 3  ? 6.534   10.920  4.349   1.00 15.80 ? 2   VAL A C   1 
ATOM   16  O O   . VAL A 1 3  ? 6.499   9.697   4.159   1.00 15.32 ? 2   VAL A O   1 
ATOM   17  C CB  . VAL A 1 3  ? 7.531   11.894  6.490   1.00 15.42 ? 2   VAL A CB  1 
ATOM   18  C CG1 . VAL A 1 3  ? 6.947   10.689  7.213   1.00 17.41 ? 2   VAL A CG1 1 
ATOM   19  C CG2 . VAL A 1 3  ? 8.842   12.311  7.126   1.00 17.00 ? 2   VAL A CG2 1 
ATOM   20  N N   . GLU A 1 4  ? 5.543   11.721  3.962   1.00 14.44 ? 3   GLU A N   1 
ATOM   21  C CA  . GLU A 1 4  ? 4.367   11.160  3.300   1.00 17.67 ? 3   GLU A CA  1 
ATOM   22  C C   . GLU A 1 4  ? 4.735   10.534  1.961   1.00 16.54 ? 3   GLU A C   1 
ATOM   23  O O   . GLU A 1 4  ? 4.205   9.476   1.595   1.00 16.13 ? 3   GLU A O   1 
ATOM   24  C CB  . GLU A 1 4  ? 3.290   12.230  3.137   1.00 20.30 ? 3   GLU A CB  1 
ATOM   25  C CG  . GLU A 1 4  ? 2.364   11.995  1.962   1.00 24.15 ? 3   GLU A CG  1 
ATOM   26  C CD  . GLU A 1 4  ? 1.197   12.960  1.936   1.00 33.00 ? 3   GLU A CD  1 
ATOM   27  O OE1 . GLU A 1 4  ? 0.112   12.554  1.459   1.00 35.65 ? 3   GLU A OE1 1 
ATOM   28  O OE2 . GLU A 1 4  ? 1.364   14.119  2.385   1.00 31.58 ? 3   GLU A OE2 1 
ATOM   29  N N   . ALA A 1 5  ? 5.662   11.156  1.222   1.00 13.13 ? 4   ALA A N   1 
ATOM   30  C CA  . ALA A 1 5  ? 6.105   10.561  -0.032  1.00 13.69 ? 4   ALA A CA  1 
ATOM   31  C C   . ALA A 1 5  ? 6.822   9.240   0.214   1.00 10.13 ? 4   ALA A C   1 
ATOM   32  O O   . ALA A 1 5  ? 6.704   8.298   -0.581  1.00 10.72 ? 4   ALA A O   1 
ATOM   33  C CB  . ALA A 1 5  ? 7.007   11.530  -0.798  1.00 11.85 ? 4   ALA A CB  1 
ATOM   34  N N   . LEU A 1 6  ? 7.580   9.158   1.310   1.00 12.07 ? 5   LEU A N   1 
ATOM   35  C CA  . LEU A 1 6  ? 8.245   7.906   1.651   1.00 13.72 ? 5   LEU A CA  1 
ATOM   36  C C   . LEU A 1 6  ? 7.231   6.842   2.042   1.00 12.14 ? 5   LEU A C   1 
ATOM   37  O O   . LEU A 1 6  ? 7.406   5.659   1.716   1.00 12.58 ? 5   LEU A O   1 
ATOM   38  C CB  . LEU A 1 6  ? 9.243   8.140   2.780   1.00 15.53 ? 5   LEU A CB  1 
ATOM   39  C CG  . LEU A 1 6  ? 10.644  8.498   2.296   1.00 17.97 ? 5   LEU A CG  1 
ATOM   40  C CD1 . LEU A 1 6  ? 11.385  9.311   3.332   1.00 21.95 ? 5   LEU A CD1 1 
ATOM   41  C CD2 . LEU A 1 6  ? 11.400  7.216   1.970   1.00 24.15 ? 5   LEU A CD2 1 
ATOM   42  N N   . GLU A 1 7  ? 6.169   7.239   2.744   1.00 12.39 ? 6   GLU A N   1 
ATOM   43  C CA  . GLU A 1 7  ? 5.104   6.295   3.060   1.00 11.58 ? 6   GLU A CA  1 
ATOM   44  C C   . GLU A 1 7  ? 4.524   5.695   1.787   1.00 11.28 ? 6   GLU A C   1 
ATOM   45  O O   . GLU A 1 7  ? 4.250   4.489   1.723   1.00 10.62 ? 6   GLU A O   1 
ATOM   46  C CB  . GLU A 1 7  ? 4.021   6.999   3.875   1.00 13.65 ? 6   GLU A CB  1 
ATOM   47  C CG  . GLU A 1 7  ? 4.264   6.924   5.366   1.00 20.88 ? 6   GLU A CG  1 
ATOM   48  C CD  . GLU A 1 7  ? 3.737   8.124   6.129   1.00 21.91 ? 6   GLU A CD  1 
ATOM   49  O OE1 . GLU A 1 7  ? 4.173   8.305   7.290   1.00 23.10 ? 6   GLU A OE1 1 
ATOM   50  O OE2 . GLU A 1 7  ? 2.905   8.878   5.578   1.00 18.81 ? 6   GLU A OE2 1 
ATOM   51  N N   . LYS A 1 8  ? 4.372   6.518   0.746   1.00 10.19 ? 7   LYS A N   1 
ATOM   52  C CA  . LYS A 1 8  ? 3.821   6.032   -0.515  1.00 10.11 ? 7   LYS A CA  1 
ATOM   53  C C   . LYS A 1 8  ? 4.780   5.070   -1.211  1.00 11.98 ? 7   LYS A C   1 
ATOM   54  O O   . LYS A 1 8  ? 4.361   4.017   -1.706  1.00 11.04 ? 7   LYS A O   1 
ATOM   55  C CB  . LYS A 1 8  ? 3.490   7.219   -1.421  1.00 14.24 ? 7   LYS A CB  1 
ATOM   56  C CG  . LYS A 1 8  ? 2.963   6.847   -2.793  1.00 14.45 ? 7   LYS A CG  1 
ATOM   57  C CD  . LYS A 1 8  ? 2.508   8.082   -3.568  1.00 19.73 ? 7   LYS A CD  1 
ATOM   58  C CE  . LYS A 1 8  ? 1.845   7.695   -4.887  1.00 25.69 ? 7   LYS A CE  1 
ATOM   59  N NZ  . LYS A 1 8  ? 1.856   8.812   -5.875  1.00 28.39 ? 7   LYS A NZ  1 
ATOM   60  N N   . LYS A 1 9  ? 6.070   5.413   -1.259  1.00 10.82 ? 8   LYS A N   1 
ATOM   61  C CA  . LYS A 1 9  ? 7.051   4.522   -1.874  1.00 10.17 ? 8   LYS A CA  1 
ATOM   62  C C   . LYS A 1 9  ? 7.141   3.203   -1.123  1.00 11.15 ? 8   LYS A C   1 
ATOM   63  O O   . LYS A 1 9  ? 7.338   2.143   -1.733  1.00 10.85 ? 8   LYS A O   1 
ATOM   64  C CB  . LYS A 1 9  ? 8.428   5.183   -1.876  1.00 13.60 ? 8   LYS A CB  1 
ATOM   65  C CG  . LYS A 1 9  ? 8.707   6.109   -3.041  1.00 18.08 ? 8   LYS A CG  1 
ATOM   66  C CD  . LYS A 1 9  ? 10.124  6.650   -2.939  1.00 19.81 ? 8   LYS A CD  1 
ATOM   67  C CE  . LYS A 1 9  ? 10.601  7.214   -4.260  1.00 24.68 ? 8   LYS A CE  1 
ATOM   68  N NZ  . LYS A 1 9  ? 10.745  6.143   -5.270  1.00 19.42 ? 8   LYS A NZ  1 
ATOM   69  N N   . VAL A 1 10 ? 7.050   3.251   0.208   1.00 9.78  ? 9   VAL A N   1 
ATOM   70  C CA  . VAL A 1 10 ? 7.105   2.013   0.977   1.00 9.63  ? 9   VAL A CA  1 
ATOM   71  C C   . VAL A 1 10 ? 5.893   1.136   0.682   1.00 11.71 ? 9   VAL A C   1 
ATOM   72  O O   . VAL A 1 10 ? 6.027   -0.077  0.482   1.00 10.86 ? 9   VAL A O   1 
ATOM   73  C CB  . VAL A 1 10 ? 7.291   2.315   2.473   1.00 10.80 ? 9   VAL A CB  1 
ATOM   74  C CG1 . VAL A 1 10 ? 6.989   1.084   3.328   1.00 10.53 ? 9   VAL A CG1 1 
ATOM   75  C CG2 . VAL A 1 10 ? 8.709   2.804   2.703   1.00 13.08 ? 9   VAL A CG2 1 
ATOM   76  N N   . GLU A 1 11 ? 4.698   1.729   0.619   1.00 9.35  ? 10  GLU A N   1 
ATOM   77  C CA  . GLU A 1 11 ? 3.522   0.940   0.252   1.00 11.89 ? 10  GLU A CA  1 
ATOM   78  C C   . GLU A 1 11 ? 3.665   0.356   -1.149  1.00 13.38 ? 10  GLU A C   1 
ATOM   79  O O   . GLU A 1 11 ? 3.292   -0.800  -1.386  1.00 11.76 ? 10  GLU A O   1 
ATOM   80  C CB  . GLU A 1 11 ? 2.256   1.789   0.351   1.00 13.13 ? 10  GLU A CB  1 
ATOM   81  C CG  . GLU A 1 11 ? 1.053   1.211   -0.395  1.00 19.21 ? 10  GLU A CG  1 
ATOM   82  C CD  . GLU A 1 11 ? 0.894   1.745   -1.823  1.00 14.12 ? 10  GLU A CD  1 
ATOM   83  O OE1 . GLU A 1 11 ? 1.486   2.784   -2.178  1.00 23.91 ? 10  GLU A OE1 1 
ATOM   84  O OE2 . GLU A 1 11 ? 0.163   1.108   -2.604  1.00 20.74 ? 10  GLU A OE2 1 
ATOM   85  N N   . ALA A 1 12 ? 4.204   1.137   -2.092  1.00 11.69 ? 11  ALA A N   1 
ATOM   86  C CA  . ALA A 1 12 ? 4.430   0.618   -3.438  1.00 12.40 ? 11  ALA A CA  1 
ATOM   87  C C   . ALA A 1 12 ? 5.360   -0.585  -3.405  1.00 11.88 ? 11  ALA A C   1 
ATOM   88  O O   . ALA A 1 12 ? 5.127   -1.577  -4.108  1.00 11.90 ? 11  ALA A O   1 
ATOM   89  C CB  . ALA A 1 12 ? 5.003   1.706   -4.341  1.00 16.20 ? 11  ALA A CB  1 
ATOM   90  N N   . LEU A 1 13 ? 6.413   -0.518  -2.579  1.00 9.68  ? 12  LEU A N   1 
ATOM   91  C CA  . LEU A 1 13 ? 7.314   -1.655  -2.429  1.00 9.62  ? 12  LEU A CA  1 
ATOM   92  C C   . LEU A 1 13 ? 6.602   -2.858  -1.826  1.00 7.74  ? 12  LEU A C   1 
ATOM   93  O O   . LEU A 1 13 ? 6.871   -3.999  -2.214  1.00 8.18  ? 12  LEU A O   1 
ATOM   94  C CB  . LEU A 1 13 ? 8.521   -1.272  -1.569  1.00 7.77  ? 12  LEU A CB  1 
ATOM   95  C CG  . LEU A 1 13 ? 9.649   -0.542  -2.295  1.00 10.74 ? 12  LEU A CG  1 
ATOM   96  C CD1 . LEU A 1 13 ? 10.583  0.082   -1.267  1.00 10.48 ? 12  LEU A CD1 1 
ATOM   97  C CD2 . LEU A 1 13 ? 10.409  -1.494  -3.218  1.00 11.86 ? 12  LEU A CD2 1 
ATOM   98  N N   . GLU A 1 14 ? 5.713   -2.632  -0.851  1.00 7.49  ? 13  GLU A N   1 
ATOM   99  C CA  . GLU A 1 14 ? 4.958   -3.743  -0.277  1.00 8.11  ? 13  GLU A CA  1 
ATOM   100 C C   . GLU A 1 14 ? 4.133   -4.454  -1.342  1.00 7.20  ? 13  GLU A C   1 
ATOM   101 O O   . GLU A 1 14 ? 4.052   -5.688  -1.357  1.00 8.95  ? 13  GLU A O   1 
ATOM   102 C CB  . GLU A 1 14 ? 4.065   -3.230  0.858   1.00 11.48 ? 13  GLU A CB  1 
ATOM   103 C CG  . GLU A 1 14 ? 4.866   -2.665  2.019   1.00 14.62 ? 13  GLU A CG  1 
ATOM   104 C CD  . GLU A 1 14 ? 4.034   -1.917  3.039   1.00 21.61 ? 13  GLU A CD  1 
ATOM   105 O OE1 . GLU A 1 14 ? 2.934   -1.440  2.688   1.00 22.65 ? 13  GLU A OE1 1 
ATOM   106 O OE2 . GLU A 1 14 ? 4.490   -1.801  4.200   1.00 21.66 ? 13  GLU A OE2 1 
ATOM   107 N N   . VAL A 1 15 ? 3.538   -3.686  -2.255  1.00 8.77  ? 14  VAL A N   1 
ATOM   108 C CA  . VAL A 1 15 ? 2.751   -4.271  -3.341  1.00 10.80 ? 14  VAL A CA  1 
ATOM   109 C C   . VAL A 1 15 ? 3.642   -5.116  -4.243  1.00 9.15  ? 14  VAL A C   1 
ATOM   110 O O   . VAL A 1 15 ? 3.308   -6.259  -4.582  1.00 9.28  ? 14  VAL A O   1 
ATOM   111 C CB  . VAL A 1 15 ? 2.028   -3.167  -4.130  1.00 13.00 ? 14  VAL A CB  1 
ATOM   112 C CG1 . VAL A 1 15 ? 1.449   -3.722  -5.430  1.00 14.01 ? 14  VAL A CG1 1 
ATOM   113 C CG2 . VAL A 1 15 ? 0.937   -2.548  -3.273  1.00 14.82 ? 14  VAL A CG2 1 
ATOM   114 N N   . LYS A 1 16 ? 4.797   -4.566  -4.634  1.00 8.47  ? 15  LYS A N   1 
ATOM   115 C CA  . LYS A 1 16 ? 5.711   -5.303  -5.504  1.00 7.82  ? 15  LYS A CA  1 
ATOM   116 C C   . LYS A 1 16 ? 6.225   -6.563  -4.823  1.00 6.43  ? 15  LYS A C   1 
ATOM   117 O O   . LYS A 1 16 ? 6.382   -7.609  -5.469  1.00 6.45  ? 15  LYS A O   1 
ATOM   118 C CB  . LYS A 1 16 ? 6.886   -4.417  -5.913  1.00 8.04  ? 15  LYS A CB  1 
ATOM   119 C CG  . LYS A 1 16 ? 6.494   -3.328  -6.897  1.00 10.85 ? 15  LYS A CG  1 
ATOM   120 C CD  . LYS A 1 16 ? 7.660   -2.434  -7.264  1.00 13.76 ? 15  LYS A CD  1 
ATOM   121 C CE  . LYS A 1 16 ? 7.181   -1.306  -8.166  1.00 16.54 ? 15  LYS A CE  1 
ATOM   122 N NZ  . LYS A 1 16 ? 8.294   -0.444  -8.648  1.00 19.81 ? 15  LYS A NZ  1 
ATOM   123 N N   . VAL A 1 17 ? 6.524   -6.473  -3.525  1.00 6.82  ? 16  VAL A N   1 
ATOM   124 C CA  . VAL A 1 17 ? 7.038   -7.627  -2.797  1.00 5.67  ? 16  VAL A CA  1 
ATOM   125 C C   . VAL A 1 17 ? 5.966   -8.706  -2.664  1.00 6.01  ? 16  VAL A C   1 
ATOM   126 O O   . VAL A 1 17 ? 6.255   -9.901  -2.791  1.00 6.52  ? 16  VAL A O   1 
ATOM   127 C CB  . VAL A 1 17 ? 7.611   -7.182  -1.438  1.00 4.49  ? 16  VAL A CB  1 
ATOM   128 C CG1 . VAL A 1 17 ? 7.796   -8.383  -0.511  1.00 7.43  ? 16  VAL A CG1 1 
ATOM   129 C CG2 . VAL A 1 17 ? 8.925   -6.410  -1.642  1.00 7.18  ? 16  VAL A CG2 1 
ATOM   130 N N   . GLN A 1 18 ? 4.710   -8.314  -2.413  1.00 6.63  ? 17  GLN A N   1 
ATOM   131 C CA  . GLN A 1 18 ? 3.671   -9.335  -2.314  1.00 8.06  ? 17  GLN A CA  1 
ATOM   132 C C   . GLN A 1 18 ? 3.502   -10.069 -3.638  1.00 6.84  ? 17  GLN A C   1 
ATOM   133 O O   . GLN A 1 18 ? 3.331   -11.296 -3.662  1.00 8.26  ? 17  GLN A O   1 
ATOM   134 C CB  . GLN A 1 18 ? 2.345   -8.721  -1.884  1.00 9.82  ? 17  GLN A CB  1 
ATOM   135 C CG  . GLN A 1 18 ? 1.210   -9.726  -1.953  1.00 13.18 ? 17  GLN A CG  1 
ATOM   136 C CD  . GLN A 1 18 ? -0.118  -9.113  -1.606  1.00 15.90 ? 17  GLN A CD  1 
ATOM   137 O OE1 . GLN A 1 18 ? -0.980  -8.923  -2.473  1.00 20.76 ? 17  GLN A OE1 1 
ATOM   138 N NE2 . GLN A 1 18 ? -0.299  -8.799  -0.335  1.00 11.49 ? 17  GLN A NE2 1 
ATOM   139 N N   . LYS A 1 19 ? 3.550   -9.332  -4.753  1.00 6.92  ? 18  LYS A N   1 
ATOM   140 C CA  . LYS A 1 19 ? 3.452   -9.969  -6.063  1.00 7.45  ? 18  LYS A CA  1 
ATOM   141 C C   . LYS A 1 19 ? 4.602   -10.943 -6.273  1.00 7.20  ? 18  LYS A C   1 
ATOM   142 O O   . LYS A 1 19 ? 4.404   -12.064 -6.758  1.00 8.19  ? 18  LYS A O   1 
ATOM   143 C CB  . LYS A 1 19 ? 3.480   -8.918  -7.170  1.00 11.16 ? 18  LYS A CB  1 
ATOM   144 C CG  . LYS A 1 19 ? 2.245   -8.051  -7.332  1.00 15.93 ? 18  LYS A CG  1 
ATOM   145 C CD  . LYS A 1 19 ? 2.376   -7.190  -8.597  1.00 17.07 ? 18  LYS A CD  1 
ATOM   146 C CE  . LYS A 1 19 ? 3.630   -6.309  -8.551  1.00 16.22 ? 18  LYS A CE  1 
ATOM   147 N NZ  . LYS A 1 19 ? 3.917   -5.611  -9.836  1.00 21.09 ? 18  LYS A NZ  1 
ATOM   148 N N   . LEU A 1 20 ? 5.820   -10.522 -5.921  1.00 6.75  ? 19  LEU A N   1 
ATOM   149 C CA  . LEU A 1 20 ? 6.969   -11.413 -6.058  1.00 8.07  ? 19  LEU A CA  1 
ATOM   150 C C   . LEU A 1 20 ? 6.811   -12.658 -5.197  1.00 6.28  ? 19  LEU A C   1 
ATOM   151 O O   . LEU A 1 20 ? 7.155   -13.760 -5.629  1.00 6.19  ? 19  LEU A O   1 
ATOM   152 C CB  . LEU A 1 20 ? 8.242   -10.685 -5.649  1.00 5.47  ? 19  LEU A CB  1 
ATOM   153 C CG  . LEU A 1 20 ? 8.812   -9.698  -6.664  1.00 6.34  ? 19  LEU A CG  1 
ATOM   154 C CD1 . LEU A 1 20 ? 9.790   -8.730  -6.013  1.00 5.68  ? 19  LEU A CD1 1 
ATOM   155 C CD2 . LEU A 1 20 ? 9.475   -10.494 -7.787  1.00 6.98  ? 19  LEU A CD2 1 
ATOM   156 N N   . GLU A 1 21 ? 6.327   -12.495 -3.963  1.00 4.70  ? 20  GLU A N   1 
ATOM   157 C CA  . GLU A 1 21 ? 6.129   -13.654 -3.094  1.00 5.39  ? 20  GLU A CA  1 
ATOM   158 C C   . GLU A 1 21 ? 5.164   -14.656 -3.710  1.00 5.30  ? 20  GLU A C   1 
ATOM   159 O O   . GLU A 1 21 ? 5.415   -15.866 -3.680  1.00 6.80  ? 20  GLU A O   1 
ATOM   160 C CB  . GLU A 1 21 ? 5.632   -13.213 -1.719  1.00 7.97  ? 20  GLU A CB  1 
ATOM   161 C CG  . GLU A 1 21 ? 6.700   -12.527 -0.894  1.00 7.26  ? 20  GLU A CG  1 
ATOM   162 C CD  . GLU A 1 21 ? 6.165   -12.030 0.433   1.00 9.28  ? 20  GLU A CD  1 
ATOM   163 O OE1 . GLU A 1 21 ? 6.985   -11.733 1.314   1.00 8.57  ? 20  GLU A OE1 1 
ATOM   164 O OE2 . GLU A 1 21 ? 4.924   -11.927 0.591   1.00 8.43  ? 20  GLU A OE2 1 
ATOM   165 N N   . LYS A 1 22 ? 4.047   -14.171 -4.266  1.00 6.71  ? 21  LYS A N   1 
ATOM   166 C CA  . LYS A 1 22 ? 3.094   -15.076 -4.901  1.00 6.45  ? 21  LYS A CA  1 
ATOM   167 C C   . LYS A 1 22 ? 3.730   -15.790 -6.088  1.00 5.78  ? 21  LYS A C   1 
ATOM   168 O O   . LYS A 1 22 ? 3.553   -17.003 -6.266  1.00 7.26  ? 21  LYS A O   1 
ATOM   169 C CB  . LYS A 1 22 ? 1.871   -14.284 -5.363  1.00 8.17  ? 21  LYS A CB  1 
ATOM   170 C CG  . LYS A 1 22 ? 0.990   -13.773 -4.232  1.00 8.93  ? 21  LYS A CG  1 
ATOM   171 C CD  . LYS A 1 22 ? -0.191  -12.991 -4.787  1.00 10.64 ? 21  LYS A CD  1 
ATOM   172 C CE  . LYS A 1 22 ? -1.110  -12.533 -3.678  1.00 11.08 ? 21  LYS A CE  1 
ATOM   173 N NZ  . LYS A 1 22 ? -2.303  -11.871 -4.266  1.00 14.75 ? 21  LYS A NZ  1 
ATOM   174 N N   . LYS A 1 23 ? 4.458   -15.045 -6.927  1.00 6.44  ? 22  LYS A N   1 
ATOM   175 C CA  . LYS A 1 23 ? 5.060   -15.647 -8.111  1.00 6.98  ? 22  LYS A CA  1 
ATOM   176 C C   . LYS A 1 23 ? 6.117   -16.671 -7.723  1.00 6.72  ? 22  LYS A C   1 
ATOM   177 O O   . LYS A 1 23 ? 6.202   -17.746 -8.323  1.00 6.80  ? 22  LYS A O   1 
ATOM   178 C CB  . LYS A 1 23 ? 5.667   -14.562 -8.998  1.00 7.63  ? 22  LYS A CB  1 
ATOM   179 C CG  . LYS A 1 23 ? 4.649   -13.716 -9.754  1.00 11.47 ? 22  LYS A CG  1 
ATOM   180 C CD  . LYS A 1 23 ? 5.356   -12.613 -10.532 1.00 13.80 ? 22  LYS A CD  1 
ATOM   181 C CE  . LYS A 1 23 ? 4.426   -11.907 -11.500 1.00 21.30 ? 22  LYS A CE  1 
ATOM   182 N NZ  . LYS A 1 23 ? 4.532   -12.473 -12.869 1.00 24.43 ? 22  LYS A NZ  1 
ATOM   183 N N   . VAL A 1 24 ? 6.906   -16.371 -6.687  1.00 7.33  ? 23  VAL A N   1 
ATOM   184 C CA  . VAL A 1 24 ? 7.941   -17.305 -6.259  1.00 6.50  ? 23  VAL A CA  1 
ATOM   185 C C   . VAL A 1 24 ? 7.331   -18.563 -5.652  1.00 6.48  ? 23  VAL A C   1 
ATOM   186 O O   . VAL A 1 24 ? 7.800   -19.680 -5.908  1.00 7.50  ? 23  VAL A O   1 
ATOM   187 C CB  . VAL A 1 24 ? 8.924   -16.595 -5.312  1.00 7.01  ? 23  VAL A CB  1 
ATOM   188 C CG1 . VAL A 1 24 ? 9.795   -17.610 -4.583  1.00 8.30  ? 23  VAL A CG1 1 
ATOM   189 C CG2 . VAL A 1 24 ? 9.779   -15.623 -6.111  1.00 7.47  ? 23  VAL A CG2 1 
ATOM   190 N N   . GLU A 1 25 ? 6.286   -18.415 -4.832  1.00 6.51  ? 24  GLU A N   1 
ATOM   191 C CA  . GLU A 1 25 ? 5.653   -19.603 -4.272  1.00 7.67  ? 24  GLU A CA  1 
ATOM   192 C C   . GLU A 1 25 ? 5.052   -20.459 -5.378  1.00 6.98  ? 24  GLU A C   1 
ATOM   193 O O   . GLU A 1 25 ? 5.117   -21.694 -5.334  1.00 7.80  ? 24  GLU A O   1 
ATOM   194 C CB  . GLU A 1 25 ? 4.574   -19.201 -3.264  1.00 7.11  ? 24  GLU A CB  1 
ATOM   195 C CG  . GLU A 1 25 ? 5.096   -18.565 -1.985  1.00 8.32  ? 24  GLU A CG  1 
ATOM   196 C CD  . GLU A 1 25 ? 6.102   -19.424 -1.226  1.00 11.09 ? 24  GLU A CD  1 
ATOM   197 O OE1 . GLU A 1 25 ? 6.009   -20.672 -1.265  1.00 12.23 ? 24  GLU A OE1 1 
ATOM   198 O OE2 . GLU A 1 25 ? 6.991   -18.842 -0.567  1.00 15.60 ? 24  GLU A OE2 1 
ATOM   199 N N   . ALA A 1 26 ? 4.474   -19.821 -6.397  1.00 6.95  ? 25  ALA A N   1 
ATOM   200 C CA  . ALA A 1 26 ? 3.936   -20.597 -7.508  1.00 6.40  ? 25  ALA A CA  1 
ATOM   201 C C   . ALA A 1 26 ? 5.030   -21.388 -8.217  1.00 7.39  ? 25  ALA A C   1 
ATOM   202 O O   . ALA A 1 26 ? 4.826   -22.558 -8.568  1.00 8.23  ? 25  ALA A O   1 
ATOM   203 C CB  . ALA A 1 26 ? 3.213   -19.684 -8.492  1.00 7.12  ? 25  ALA A CB  1 
ATOM   204 N N   . LEU A 1 27 ? 6.193   -20.760 -8.454  1.00 7.10  ? 26  LEU A N   1 
ATOM   205 C CA  . LEU A 1 27 ? 7.299   -21.478 -9.089  1.00 7.82  ? 26  LEU A CA  1 
ATOM   206 C C   . LEU A 1 27 ? 7.837   -22.588 -8.194  1.00 7.65  ? 26  LEU A C   1 
ATOM   207 O O   . LEU A 1 27 ? 8.164   -23.680 -8.680  1.00 9.57  ? 26  LEU A O   1 
ATOM   208 C CB  . LEU A 1 27 ? 8.430   -20.510 -9.427  1.00 8.35  ? 26  LEU A CB  1 
ATOM   209 C CG  . LEU A 1 27 ? 8.133   -19.479 -10.502 1.00 8.27  ? 26  LEU A CG  1 
ATOM   210 C CD1 . LEU A 1 27 ? 9.229   -18.410 -10.523 1.00 11.77 ? 26  LEU A CD1 1 
ATOM   211 C CD2 . LEU A 1 27 ? 8.010   -20.173 -11.858 1.00 12.11 ? 26  LEU A CD2 1 
ATOM   212 N N   . GLU A 1 28 ? 7.962   -22.321 -6.889  1.00 6.69  ? 27  GLU A N   1 
ATOM   213 C CA  . GLU A 1 28 ? 8.535   -23.310 -5.984  1.00 9.30  ? 27  GLU A CA  1 
ATOM   214 C C   . GLU A 1 28 ? 7.662   -24.547 -5.897  1.00 9.62  ? 27  GLU A C   1 
ATOM   215 O O   . GLU A 1 28 ? 8.176   -25.669 -5.831  1.00 11.91 ? 27  GLU A O   1 
ATOM   216 C CB  . GLU A 1 28 ? 8.699   -22.722 -4.584  1.00 11.51 ? 27  GLU A CB  1 
ATOM   217 C CG  . GLU A 1 28 ? 9.826   -21.737 -4.468  1.00 16.75 ? 27  GLU A CG  1 
ATOM   218 C CD  . GLU A 1 28 ? 10.078  -21.309 -3.034  1.00 19.02 ? 27  GLU A CD  1 
ATOM   219 O OE1 . GLU A 1 28 ? 11.242  -21.039 -2.704  1.00 21.42 ? 27  GLU A OE1 1 
ATOM   220 O OE2 . GLU A 1 28 ? 9.111   -21.244 -2.240  1.00 22.62 ? 27  GLU A OE2 1 
ATOM   221 N N   . HIS A 1 29 ? 6.339   -24.362 -5.857  1.00 7.86  ? 28  HIS A N   1 
ATOM   222 C CA  . HIS A 1 29 ? 5.403   -25.465 -5.678  1.00 10.82 ? 28  HIS A CA  1 
ATOM   223 C C   . HIS A 1 29 ? 4.843   -26.005 -6.986  1.00 9.44  ? 28  HIS A C   1 
ATOM   224 O O   . HIS A 1 29 ? 4.131   -27.011 -6.961  1.00 11.59 ? 28  HIS A O   1 
ATOM   225 C CB  . HIS A 1 29 ? 4.220   -25.030 -4.804  1.00 8.58  ? 28  HIS A CB  1 
ATOM   226 C CG  . HIS A 1 29 ? 4.587   -24.699 -3.393  1.00 10.70 ? 28  HIS A CG  1 
ATOM   227 N ND1 . HIS A 1 29 ? 4.808   -23.409 -2.961  1.00 13.24 ? 28  HIS A ND1 1 
ATOM   228 C CD2 . HIS A 1 29 ? 4.757   -25.492 -2.310  1.00 14.29 ? 28  HIS A CD2 1 
ATOM   229 C CE1 . HIS A 1 29 ? 5.095   -23.422 -1.670  1.00 13.30 ? 28  HIS A CE1 1 
ATOM   230 N NE2 . HIS A 1 29 ? 5.072   -24.675 -1.252  1.00 17.38 ? 28  HIS A NE2 1 
ATOM   231 N N   . GLY A 1 30 ? 5.117   -25.355 -8.115  1.00 9.87  ? 29  GLY A N   1 
ATOM   232 C CA  . GLY A 1 30 ? 4.553   -25.789 -9.379  1.00 11.56 ? 29  GLY A CA  1 
ATOM   233 C C   . GLY A 1 30 ? 3.053   -25.629 -9.496  1.00 11.22 ? 29  GLY A C   1 
ATOM   234 O O   . GLY A 1 30 ? 2.404   -26.445 -10.158 1.00 14.35 ? 29  GLY A O   1 
ATOM   235 N N   . TRP A 1 31 ? 2.481   -24.602 -8.871  1.00 8.16  ? 30  TRP A N   1 
ATOM   236 C CA  . TRP A 1 31 ? 1.030   -24.460 -8.851  1.00 9.75  ? 30  TRP A CA  1 
ATOM   237 C C   . TRP A 1 31 ? 0.488   -24.253 -10.257 1.00 11.31 ? 30  TRP A C   1 
ATOM   238 O O   . TRP A 1 31 ? 0.962   -23.387 -10.996 1.00 10.57 ? 30  TRP A O   1 
ATOM   239 C CB  . TRP A 1 31 ? 0.633   -23.256 -8.003  1.00 9.78  ? 30  TRP A CB  1 
ATOM   240 C CG  . TRP A 1 31 ? 0.856   -23.429 -6.552  1.00 8.07  ? 30  TRP A CG  1 
ATOM   241 C CD1 . TRP A 1 31 ? 0.946   -24.608 -5.859  1.00 7.33  ? 30  TRP A CD1 1 
ATOM   242 C CD2 . TRP A 1 31 ? 0.989   -22.383 -5.593  1.00 7.28  ? 30  TRP A CD2 1 
ATOM   243 N NE1 . TRP A 1 31 ? 1.138   -24.346 -4.524  1.00 9.15  ? 30  TRP A NE1 1 
ATOM   244 C CE2 . TRP A 1 31 ? 1.173   -22.987 -4.333  1.00 7.86  ? 30  TRP A CE2 1 
ATOM   245 C CE3 . TRP A 1 31 ? 0.966   -20.988 -5.676  1.00 6.85  ? 30  TRP A CE3 1 
ATOM   246 C CZ2 . TRP A 1 31 ? 1.349   -22.240 -3.163  1.00 7.66  ? 30  TRP A CZ2 1 
ATOM   247 C CZ3 . TRP A 1 31 ? 1.144   -20.244 -4.516  1.00 7.54  ? 30  TRP A CZ3 1 
ATOM   248 C CH2 . TRP A 1 31 ? 1.326   -20.872 -3.278  1.00 7.82  ? 30  TRP A CH2 1 
ATOM   249 N N   . ASP A 1 32 ? -0.537  -25.030 -10.613 1.00 12.87 ? 31  ASP A N   1 
ATOM   250 C CA  . ASP A 1 32 ? -1.225  -24.885 -11.896 1.00 13.81 ? 31  ASP A CA  1 
ATOM   251 C C   . ASP A 1 32 ? -0.273  -25.055 -13.070 1.00 14.02 ? 31  ASP A C   1 
ATOM   252 O O   . ASP A 1 32 ? -0.506  -24.511 -14.149 1.00 13.87 ? 31  ASP A O   1 
ATOM   253 C CB  . ASP A 1 32 ? -1.980  -23.557 -11.994 1.00 13.54 ? 31  ASP A CB  1 
ATOM   254 C CG  . ASP A 1 32 ? -2.900  -23.333 -10.819 1.00 14.23 ? 31  ASP A CG  1 
ATOM   255 O OD1 . ASP A 1 32 ? -3.914  -24.057 -10.722 1.00 17.97 ? 31  ASP A OD1 1 
ATOM   256 O OD2 . ASP A 1 32 ? -2.604  -22.450 -9.987  1.00 11.25 ? 31  ASP A OD2 1 
ATOM   257 N N   . GLY A 1 33 ? 0.809   -25.794 -12.859 1.00 13.11 ? 32  GLY A N   1 
ATOM   258 C CA  . GLY A 1 33 ? 1.775   -26.033 -13.909 1.00 14.43 ? 32  GLY A CA  1 
ATOM   259 C C   . GLY A 1 33 ? 2.788   -24.932 -14.109 1.00 14.95 ? 32  GLY A C   1 
ATOM   260 O O   . GLY A 1 33 ? 3.562   -24.997 -15.072 1.00 16.81 ? 32  GLY A O   1 
ATOM   261 N N   . ARG A 1 34 ? 2.810   -23.921 -13.245 1.00 12.23 ? 33  ARG A N   1 
ATOM   262 C CA  . ARG A 1 34 ? 3.799   -22.849 -13.360 1.00 11.38 ? 33  ARG A CA  1 
ATOM   263 C C   . ARG A 1 34 ? 5.191   -23.341 -12.974 1.00 14.21 ? 33  ARG A C   1 
ATOM   264 O O   . ARG A 1 34 ? 5.320   -24.344 -12.279 1.00 13.47 ? 33  ARG A O   1 
ATOM   265 C CB  . ARG A 1 34 ? 3.397   -21.658 -12.495 1.00 13.67 ? 33  ARG A CB  1 
ATOM   266 C CG  . ARG A 1 34 ? 2.222   -20.884 -13.076 1.00 12.22 ? 33  ARG A CG  1 
ATOM   267 C CD  . ARG A 1 34 ? 1.675   -19.839 -12.115 1.00 13.20 ? 33  ARG A CD  1 
ATOM   268 N NE  . ARG A 1 34 ? 0.685   -20.410 -11.212 1.00 10.52 ? 33  ARG A NE  1 
ATOM   269 C CZ  . ARG A 1 34 ? 0.032   -19.707 -10.295 1.00 10.80 ? 33  ARG A CZ  1 
ATOM   270 N NH1 . ARG A 1 34 ? 0.274   -18.416 -10.162 1.00 10.63 ? 33  ARG A NH1 1 
ATOM   271 N NH2 . ARG A 1 34 ? -0.862  -20.300 -9.507  1.00 10.73 ? 33  ARG A NH2 1 
HETATM 272 C C   . ACE B 1 1  ? -4.247  -7.632  -14.039 1.00 14.47 ? 0   ACE B C   1 
HETATM 273 O O   . ACE B 1 1  ? -3.849  -6.747  -13.284 1.00 15.08 ? 0   ACE B O   1 
HETATM 274 C CH3 . ACE B 1 1  ? -3.295  -8.526  -14.781 1.00 16.93 ? 0   ACE B CH3 1 
ATOM   275 N N   . GLU B 1 2  ? -5.530  -7.885  -14.268 1.00 15.91 ? 1   GLU B N   1 
ATOM   276 C CA  . GLU B 1 2  ? -6.662  -7.169  -13.693 1.00 17.26 ? 1   GLU B CA  1 
ATOM   277 C C   . GLU B 1 2  ? -6.640  -7.164  -12.174 1.00 11.83 ? 1   GLU B C   1 
ATOM   278 O O   . GLU B 1 2  ? -6.740  -6.112  -11.534 1.00 12.99 ? 1   GLU B O   1 
ATOM   279 C CB  . GLU B 1 2  ? -7.955  -7.831  -14.156 1.00 23.52 ? 1   GLU B CB  1 
ATOM   280 C CG  . GLU B 1 2  ? -9.091  -6.883  -14.359 1.00 25.06 ? 1   GLU B CG  1 
ATOM   281 C CD  . GLU B 1 2  ? -10.154 -7.461  -15.266 1.00 21.05 ? 1   GLU B CD  1 
ATOM   282 O OE1 . GLU B 1 2  ? -10.092 -8.674  -15.566 1.00 28.18 ? 1   GLU B OE1 1 
ATOM   283 O OE2 . GLU B 1 2  ? -11.048 -6.699  -15.679 1.00 27.98 ? 1   GLU B OE2 1 
ATOM   284 N N   . VAL B 1 3  ? -6.542  -8.360  -11.596 1.00 14.98 ? 2   VAL B N   1 
ATOM   285 C CA  . VAL B 1 3  ? -6.598  -8.463  -10.143 1.00 15.63 ? 2   VAL B CA  1 
ATOM   286 C C   . VAL B 1 3  ? -5.368  -7.816  -9.520  1.00 14.62 ? 2   VAL B C   1 
ATOM   287 O O   . VAL B 1 3  ? -5.470  -7.082  -8.526  1.00 13.50 ? 2   VAL B O   1 
ATOM   288 C CB  . VAL B 1 3  ? -6.777  -9.933  -9.724  1.00 16.50 ? 2   VAL B CB  1 
ATOM   289 C CG1 . VAL B 1 3  ? -6.591  -10.084 -8.221  1.00 16.27 ? 2   VAL B CG1 1 
ATOM   290 C CG2 . VAL B 1 3  ? -8.148  -10.445 -10.161 1.00 16.43 ? 2   VAL B CG2 1 
ATOM   291 N N   . GLU B 1 4  ? -4.192  -8.047  -10.114 1.00 15.18 ? 3   GLU B N   1 
ATOM   292 C CA  . GLU B 1 4  ? -2.977  -7.397  -9.629  1.00 17.18 ? 3   GLU B CA  1 
ATOM   293 C C   . GLU B 1 4  ? -3.105  -5.883  -9.698  1.00 13.99 ? 3   GLU B C   1 
ATOM   294 O O   . GLU B 1 4  ? -2.668  -5.170  -8.787  1.00 15.06 ? 3   GLU B O   1 
ATOM   295 C CB  . GLU B 1 4  ? -1.775  -7.844  -10.464 1.00 18.13 ? 3   GLU B CB  1 
ATOM   296 C CG  . GLU B 1 4  ? -1.002  -9.015  -9.897  1.00 22.75 ? 3   GLU B CG  1 
ATOM   297 C CD  . GLU B 1 4  ? 0.330   -9.211  -10.600 1.00 24.81 ? 3   GLU B CD  1 
ATOM   298 O OE1 . GLU B 1 4  ? 1.032   -10.194 -10.285 1.00 30.44 ? 3   GLU B OE1 1 
ATOM   299 O OE2 . GLU B 1 4  ? 0.671   -8.379  -11.469 1.00 27.70 ? 3   GLU B OE2 1 
ATOM   300 N N   . ALA B 1 5  ? -3.713  -5.372  -10.773 1.00 11.15 ? 4   ALA B N   1 
ATOM   301 C CA  . ALA B 1 5  ? -3.872  -3.933  -10.915 1.00 12.27 ? 4   ALA B CA  1 
ATOM   302 C C   . ALA B 1 5  ? -4.823  -3.387  -9.865  1.00 11.50 ? 4   ALA B C   1 
ATOM   303 O O   . ALA B 1 5  ? -4.608  -2.295  -9.328  1.00 11.20 ? 4   ALA B O   1 
ATOM   304 C CB  . ALA B 1 5  ? -4.374  -3.596  -12.318 1.00 12.31 ? 4   ALA B CB  1 
ATOM   305 N N   . LEU B 1 6  ? -5.888  -4.133  -9.570  1.00 11.94 ? 5   LEU B N   1 
ATOM   306 C CA  . LEU B 1 6  ? -6.826  -3.700  -8.542  1.00 11.21 ? 5   LEU B CA  1 
ATOM   307 C C   . LEU B 1 6  ? -6.180  -3.724  -7.164  1.00 10.04 ? 5   LEU B C   1 
ATOM   308 O O   . LEU B 1 6  ? -6.443  -2.840  -6.338  1.00 11.49 ? 5   LEU B O   1 
ATOM   309 C CB  . LEU B 1 6  ? -8.072  -4.574  -8.586  1.00 15.38 ? 5   LEU B CB  1 
ATOM   310 C CG  . LEU B 1 6  ? -9.052  -4.195  -9.697  1.00 16.01 ? 5   LEU B CG  1 
ATOM   311 C CD1 . LEU B 1 6  ? -10.197 -5.183  -9.729  1.00 18.70 ? 5   LEU B CD1 1 
ATOM   312 C CD2 . LEU B 1 6  ? -9.565  -2.767  -9.517  1.00 20.30 ? 5   LEU B CD2 1 
ATOM   313 N N   . GLU B 1 7  ? -5.330  -4.722  -6.897  1.00 11.83 ? 6   GLU B N   1 
ATOM   314 C CA  . GLU B 1 7  ? -4.590  -4.739  -5.637  1.00 11.28 ? 6   GLU B CA  1 
ATOM   315 C C   . GLU B 1 7  ? -3.783  -3.458  -5.478  1.00 11.21 ? 6   GLU B C   1 
ATOM   316 O O   . GLU B 1 7  ? -3.745  -2.861  -4.394  1.00 10.75 ? 6   GLU B O   1 
ATOM   317 C CB  . GLU B 1 7  ? -3.667  -5.960  -5.588  1.00 13.44 ? 6   GLU B CB  1 
ATOM   318 C CG  . GLU B 1 7  ? -4.397  -7.286  -5.417  1.00 15.52 ? 6   GLU B CG  1 
ATOM   319 C CD  . GLU B 1 7  ? -3.519  -8.509  -5.645  1.00 16.36 ? 6   GLU B CD  1 
ATOM   320 O OE1 . GLU B 1 7  ? -3.777  -9.540  -4.995  1.00 26.24 ? 6   GLU B OE1 1 
ATOM   321 O OE2 . GLU B 1 7  ? -2.601  -8.467  -6.484  1.00 19.05 ? 6   GLU B OE2 1 
ATOM   322 N N   . LYS B 1 8  ? -3.167  -2.997  -6.576  1.00 8.96  ? 7   LYS B N   1 
ATOM   323 C CA  . LYS B 1 8  ? -2.373  -1.772  -6.551  1.00 10.40 ? 7   LYS B CA  1 
ATOM   324 C C   . LYS B 1 8  ? -3.234  -0.552  -6.266  1.00 11.60 ? 7   LYS B C   1 
ATOM   325 O O   . LYS B 1 8  ? -2.869  0.290   -5.433  1.00 11.08 ? 7   LYS B O   1 
ATOM   326 C CB  . LYS B 1 8  ? -1.650  -1.580  -7.881  1.00 13.36 ? 7   LYS B CB  1 
ATOM   327 C CG  . LYS B 1 8  ? -0.826  -0.328  -7.912  1.00 15.24 ? 7   LYS B CG  1 
ATOM   328 C CD  . LYS B 1 8  ? 0.283   -0.504  -6.947  1.00 23.22 ? 7   LYS B CD  1 
ATOM   329 C CE  . LYS B 1 8  ? 1.619   -0.722  -7.639  1.00 31.30 ? 7   LYS B CE  1 
ATOM   330 N NZ  . LYS B 1 8  ? 2.759   -0.734  -6.696  1.00 31.19 ? 7   LYS B NZ  1 
ATOM   331 N N   . LYS B 1 9  ? -4.361  -0.428  -6.965  1.00 11.12 ? 8   LYS B N   1 
ATOM   332 C CA  . LYS B 1 9  ? -5.244  0.712   -6.746  1.00 9.68  ? 8   LYS B CA  1 
ATOM   333 C C   . LYS B 1 9  ? -5.773  0.717   -5.324  1.00 10.11 ? 8   LYS B C   1 
ATOM   334 O O   . LYS B 1 9  ? -5.931  1.779   -4.711  1.00 10.50 ? 8   LYS B O   1 
ATOM   335 C CB  . LYS B 1 9  ? -6.418  0.655   -7.720  1.00 12.39 ? 8   LYS B CB  1 
ATOM   336 C CG  . LYS B 1 9  ? -6.123  1.192   -9.104  1.00 18.24 ? 8   LYS B CG  1 
ATOM   337 C CD  . LYS B 1 9  ? -7.387  1.180   -9.943  1.00 19.61 ? 8   LYS B CD  1 
ATOM   338 C CE  . LYS B 1 9  ? -7.275  2.113   -11.131 1.00 25.43 ? 8   LYS B CE  1 
ATOM   339 N NZ  . LYS B 1 9  ? -7.418  3.531   -10.717 1.00 20.19 ? 8   LYS B NZ  1 
ATOM   340 N N   . VAL B 1 10 ? -6.063  -0.467  -4.786  1.00 8.29  ? 9   VAL B N   1 
ATOM   341 C CA  . VAL B 1 10 ? -6.594  -0.533  -3.431  1.00 9.40  ? 9   VAL B CA  1 
ATOM   342 C C   . VAL B 1 10 ? -5.545  -0.092  -2.421  1.00 10.96 ? 9   VAL B C   1 
ATOM   343 O O   . VAL B 1 10 ? -5.841  0.673   -1.499  1.00 9.00  ? 9   VAL B O   1 
ATOM   344 C CB  . VAL B 1 10 ? -7.155  -1.933  -3.147  1.00 8.86  ? 9   VAL B CB  1 
ATOM   345 C CG1 . VAL B 1 10 ? -7.361  -2.144  -1.642  1.00 11.55 ? 9   VAL B CG1 1 
ATOM   346 C CG2 . VAL B 1 10 ? -8.459  -2.097  -3.913  1.00 12.62 ? 9   VAL B CG2 1 
ATOM   347 N N   . GLU B 1 11 ? -4.296  -0.525  -2.594  1.00 9.32  ? 10  GLU B N   1 
ATOM   348 C CA  . GLU B 1 11 ? -3.263  -0.050  -1.687  1.00 10.73 ? 10  GLU B CA  1 
ATOM   349 C C   . GLU B 1 11 ? -3.025  1.451   -1.845  1.00 11.09 ? 10  GLU B C   1 
ATOM   350 O O   . GLU B 1 11 ? -2.779  2.143   -0.849  1.00 11.67 ? 10  GLU B O   1 
ATOM   351 C CB  . GLU B 1 11 ? -1.979  -0.863  -1.862  1.00 13.78 ? 10  GLU B CB  1 
ATOM   352 C CG  . GLU B 1 11 ? -2.128  -2.358  -1.562  1.00 18.66 ? 10  GLU B CG  1 
ATOM   353 C CD  . GLU B 1 11 ? -2.422  -2.660  -0.096  1.00 19.45 ? 10  GLU B CD  1 
ATOM   354 O OE1 . GLU B 1 11 ? -3.455  -3.298  0.186   1.00 20.22 ? 10  GLU B OE1 1 
ATOM   355 O OE2 . GLU B 1 11 ? -1.621  -2.256  0.772   1.00 29.81 ? 10  GLU B OE2 1 
ATOM   356 N N   . ALA B 1 12 ? -3.133  1.985   -3.068  1.00 11.92 ? 11  ALA B N   1 
ATOM   357 C CA  . ALA B 1 12 ? -3.016  3.434   -3.243  1.00 11.55 ? 11  ALA B CA  1 
ATOM   358 C C   . ALA B 1 12 ? -4.118  4.160   -2.489  1.00 11.20 ? 11  ALA B C   1 
ATOM   359 O O   . ALA B 1 12 ? -3.876  5.212   -1.877  1.00 11.89 ? 11  ALA B O   1 
ATOM   360 C CB  . ALA B 1 12 ? -3.059  3.806   -4.722  1.00 13.97 ? 11  ALA B CB  1 
ATOM   361 N N   . LEU B 1 13 ? -5.331  3.605   -2.511  1.00 9.43  ? 12  LEU B N   1 
ATOM   362 C CA  . LEU B 1 13 ? -6.421  4.200   -1.751  1.00 10.24 ? 12  LEU B CA  1 
ATOM   363 C C   . LEU B 1 13 ? -6.168  4.111   -0.253  1.00 8.05  ? 12  LEU B C   1 
ATOM   364 O O   . LEU B 1 13 ? -6.532  5.025   0.492   1.00 8.79  ? 12  LEU B O   1 
ATOM   365 C CB  . LEU B 1 13 ? -7.756  3.549   -2.111  1.00 9.01  ? 12  LEU B CB  1 
ATOM   366 C CG  . LEU B 1 13 ? -8.433  4.000   -3.402  1.00 11.67 ? 12  LEU B CG  1 
ATOM   367 C CD1 . LEU B 1 13 ? -9.526  3.002   -3.740  1.00 12.00 ? 12  LEU B CD1 1 
ATOM   368 C CD2 . LEU B 1 13 ? -9.013  5.404   -3.272  1.00 13.27 ? 12  LEU B CD2 1 
ATOM   369 N N   . GLU B 1 14 ? -5.571  3.014   0.219   1.00 7.30  ? 13  GLU B N   1 
ATOM   370 C CA  . GLU B 1 14 ? -5.251  2.932   1.640   1.00 8.73  ? 13  GLU B CA  1 
ATOM   371 C C   . GLU B 1 14 ? -4.287  4.035   2.052   1.00 8.21  ? 13  GLU B C   1 
ATOM   372 O O   . GLU B 1 14 ? -4.446  4.638   3.118   1.00 8.45  ? 13  GLU B O   1 
ATOM   373 C CB  . GLU B 1 14 ? -4.686  1.554   1.971   1.00 12.60 ? 13  GLU B CB  1 
ATOM   374 C CG  . GLU B 1 14 ? -5.672  0.443   1.658   1.00 12.98 ? 13  GLU B CG  1 
ATOM   375 C CD  . GLU B 1 14 ? -5.107  -0.928  1.911   1.00 21.92 ? 13  GLU B CD  1 
ATOM   376 O OE1 . GLU B 1 14 ? -5.888  -1.855  2.228   1.00 21.96 ? 13  GLU B OE1 1 
ATOM   377 O OE2 . GLU B 1 14 ? -3.876  -1.075  1.789   1.00 21.32 ? 13  GLU B OE2 1 
ATOM   378 N N   . VAL B 1 15 ? -3.297  4.321   1.205   1.00 10.40 ? 14  VAL B N   1 
ATOM   379 C CA  . VAL B 1 15 ? -2.348  5.393   1.492   1.00 11.39 ? 14  VAL B CA  1 
ATOM   380 C C   . VAL B 1 15 ? -3.076  6.724   1.568   1.00 8.10  ? 14  VAL B C   1 
ATOM   381 O O   . VAL B 1 15 ? -2.852  7.528   2.484   1.00 10.39 ? 14  VAL B O   1 
ATOM   382 C CB  . VAL B 1 15 ? -1.244  5.422   0.421   1.00 11.60 ? 14  VAL B CB  1 
ATOM   383 C CG1 . VAL B 1 15 ? -0.446  6.721   0.492   1.00 12.92 ? 14  VAL B CG1 1 
ATOM   384 C CG2 . VAL B 1 15 ? -0.334  4.232   0.585   1.00 13.77 ? 14  VAL B CG2 1 
ATOM   385 N N   . LYS B 1 16 ? -3.972  6.972   0.606   1.00 8.68  ? 15  LYS B N   1 
ATOM   386 C CA  . LYS B 1 16 ? -4.691  8.241   0.585   1.00 7.42  ? 15  LYS B CA  1 
ATOM   387 C C   . LYS B 1 16 ? -5.612  8.368   1.791   1.00 6.89  ? 15  LYS B C   1 
ATOM   388 O O   . LYS B 1 16 ? -5.747  9.453   2.361   1.00 6.12  ? 15  LYS B O   1 
ATOM   389 C CB  . LYS B 1 16 ? -5.507  8.375   -0.698  1.00 7.07  ? 15  LYS B CB  1 
ATOM   390 C CG  . LYS B 1 16 ? -4.655  8.659   -1.917  1.00 11.43 ? 15  LYS B CG  1 
ATOM   391 C CD  . LYS B 1 16 ? -5.462  8.801   -3.190  1.00 13.17 ? 15  LYS B CD  1 
ATOM   392 C CE  . LYS B 1 16 ? -4.521  8.956   -4.374  1.00 15.81 ? 15  LYS B CE  1 
ATOM   393 N NZ  . LYS B 1 16 ? -5.240  9.127   -5.658  1.00 20.69 ? 15  LYS B NZ  1 
ATOM   394 N N   . VAL B 1 17 ? -6.270  7.275   2.171   1.00 6.28  ? 16  VAL B N   1 
ATOM   395 C CA  . VAL B 1 17 ? -7.171  7.310   3.315   1.00 5.44  ? 16  VAL B CA  1 
ATOM   396 C C   . VAL B 1 17 ? -6.397  7.531   4.610   1.00 6.16  ? 16  VAL B C   1 
ATOM   397 O O   . VAL B 1 17 ? -6.843  8.269   5.493   1.00 6.40  ? 16  VAL B O   1 
ATOM   398 C CB  . VAL B 1 17 ? -8.021  6.028   3.337   1.00 5.20  ? 16  VAL B CB  1 
ATOM   399 C CG1 . VAL B 1 17 ? -8.682  5.828   4.705   1.00 7.79  ? 16  VAL B CG1 1 
ATOM   400 C CG2 . VAL B 1 17 ? -9.058  6.079   2.202   1.00 7.12  ? 16  VAL B CG2 1 
ATOM   401 N N   . GLN B 1 18 ? -5.219  6.916   4.743   1.00 7.48  ? 17  GLN B N   1 
ATOM   402 C CA  . GLN B 1 18 ? -4.447  7.128   5.961   1.00 8.37  ? 17  GLN B CA  1 
ATOM   403 C C   . GLN B 1 18 ? -4.032  8.584   6.093   1.00 6.86  ? 17  GLN B C   1 
ATOM   404 O O   . GLN B 1 18 ? -4.102  9.166   7.185   1.00 8.00  ? 17  GLN B O   1 
ATOM   405 C CB  . GLN B 1 18 ? -3.219  6.223   5.983   1.00 7.99  ? 17  GLN B CB  1 
ATOM   406 C CG  . GLN B 1 18 ? -2.230  6.636   7.056   1.00 14.81 ? 17  GLN B CG  1 
ATOM   407 C CD  . GLN B 1 18 ? -1.030  5.727   7.117   1.00 16.00 ? 17  GLN B CD  1 
ATOM   408 O OE1 . GLN B 1 18 ? 0.081   6.124   6.759   1.00 22.93 ? 17  GLN B OE1 1 
ATOM   409 N NE2 . GLN B 1 18 ? -1.246  4.498   7.565   1.00 11.44 ? 17  GLN B NE2 1 
ATOM   410 N N   . LYS B 1 19 ? -3.592  9.201   4.993   1.00 7.11  ? 18  LYS B N   1 
ATOM   411 C CA  . LYS B 1 19 ? -3.200  10.599  5.102   1.00 8.22  ? 18  LYS B CA  1 
ATOM   412 C C   . LYS B 1 19 ? -4.407  11.469  5.437   1.00 7.51  ? 18  LYS B C   1 
ATOM   413 O O   . LYS B 1 19 ? -4.304  12.393  6.252   1.00 8.91  ? 18  LYS B O   1 
ATOM   414 C CB  . LYS B 1 19 ? -2.439  11.080  3.863   1.00 14.75 ? 18  LYS B CB  1 
ATOM   415 C CG  . LYS B 1 19 ? -3.232  11.119  2.599   1.00 23.22 ? 18  LYS B CG  1 
ATOM   416 C CD  . LYS B 1 19 ? -3.039  12.430  1.860   1.00 22.70 ? 18  LYS B CD  1 
ATOM   417 C CE  . LYS B 1 19 ? -3.786  12.366  0.556   1.00 21.28 ? 18  LYS B CE  1 
ATOM   418 N NZ  . LYS B 1 19 ? -5.159  11.859  0.827   1.00 8.31  ? 18  LYS B NZ  1 
ATOM   419 N N   . LEU B 1 20 ? -5.577  11.151  4.873   1.00 6.40  ? 19  LEU B N   1 
ATOM   420 C CA  . LEU B 1 20 ? -6.777  11.905  5.225   1.00 7.15  ? 19  LEU B CA  1 
ATOM   421 C C   . LEU B 1 20 ? -7.109  11.755  6.703   1.00 6.15  ? 19  LEU B C   1 
ATOM   422 O O   . LEU B 1 20 ? -7.485  12.729  7.363   1.00 6.70  ? 19  LEU B O   1 
ATOM   423 C CB  . LEU B 1 20 ? -7.961  11.432  4.385   1.00 5.59  ? 19  LEU B CB  1 
ATOM   424 C CG  . LEU B 1 20 ? -8.068  11.974  2.958   1.00 6.32  ? 19  LEU B CG  1 
ATOM   425 C CD1 . LEU B 1 20 ? -9.074  11.180  2.140   1.00 6.53  ? 19  LEU B CD1 1 
ATOM   426 C CD2 . LEU B 1 20 ? -8.451  13.447  3.009   1.00 6.29  ? 19  LEU B CD2 1 
ATOM   427 N N   . GLU B 1 21 ? -7.008  10.533  7.226   1.00 5.36  ? 20  GLU B N   1 
ATOM   428 C CA  . GLU B 1 21 ? -7.283  10.307  8.641   1.00 5.35  ? 20  GLU B CA  1 
ATOM   429 C C   . GLU B 1 21 ? -6.375  11.151  9.523   1.00 5.64  ? 20  GLU B C   1 
ATOM   430 O O   . GLU B 1 21 ? -6.835  11.759  10.497  1.00 7.43  ? 20  GLU B O   1 
ATOM   431 C CB  . GLU B 1 21 ? -7.136  8.823   8.975   1.00 7.49  ? 20  GLU B CB  1 
ATOM   432 C CG  . GLU B 1 21 ? -8.242  7.973   8.384   1.00 7.30  ? 20  GLU B CG  1 
ATOM   433 C CD  . GLU B 1 21 ? -8.077  6.506   8.705   1.00 9.15  ? 20  GLU B CD  1 
ATOM   434 O OE1 . GLU B 1 21 ? -9.067  5.759   8.589   1.00 7.82  ? 20  GLU B OE1 1 
ATOM   435 O OE2 . GLU B 1 21 ? -6.949  6.110   9.078   1.00 9.23  ? 20  GLU B OE2 1 
ATOM   436 N N   . LYS B 1 22 ? -5.082  11.213  9.185   1.00 5.77  ? 21  LYS B N   1 
ATOM   437 C CA  . LYS B 1 22 ? -4.165  12.017  9.984   1.00 6.64  ? 21  LYS B CA  1 
ATOM   438 C C   . LYS B 1 22 ? -4.538  13.491  9.913   1.00 5.87  ? 21  LYS B C   1 
ATOM   439 O O   . LYS B 1 22 ? -4.540  14.199  10.929  1.00 7.67  ? 21  LYS B O   1 
ATOM   440 C CB  . LYS B 1 22 ? -2.736  11.804  9.486   1.00 7.61  ? 21  LYS B CB  1 
ATOM   441 C CG  . LYS B 1 22 ? -2.197  10.400  9.719   1.00 8.62  ? 21  LYS B CG  1 
ATOM   442 C CD  . LYS B 1 22 ? -0.777  10.299  9.188   1.00 12.51 ? 21  LYS B CD  1 
ATOM   443 C CE  . LYS B 1 22 ? -0.178  8.948   9.500   1.00 12.21 ? 21  LYS B CE  1 
ATOM   444 N NZ  . LYS B 1 22 ? 1.192   8.871   8.958   1.00 14.56 ? 21  LYS B NZ  1 
ATOM   445 N N   . LYS B 1 23 ? -4.833  13.981  8.708   1.00 7.04  ? 22  LYS B N   1 
ATOM   446 C CA  . LYS B 1 23 ? -5.159  15.394  8.552   1.00 7.07  ? 22  LYS B CA  1 
ATOM   447 C C   . LYS B 1 23 ? -6.449  15.737  9.290   1.00 6.20  ? 22  LYS B C   1 
ATOM   448 O O   . LYS B 1 23 ? -6.534  16.771  9.962   1.00 6.42  ? 22  LYS B O   1 
ATOM   449 C CB  . LYS B 1 23 ? -5.267  15.735  7.071   1.00 7.21  ? 22  LYS B CB  1 
ATOM   450 C CG  . LYS B 1 23 ? -3.932  15.768  6.335   1.00 11.42 ? 22  LYS B CG  1 
ATOM   451 C CD  . LYS B 1 23 ? -4.165  16.036  4.857   1.00 16.19 ? 22  LYS B CD  1 
ATOM   452 C CE  . LYS B 1 23 ? -2.887  16.409  4.134   1.00 22.28 ? 22  LYS B CE  1 
ATOM   453 N NZ  . LYS B 1 23 ? -2.753  17.879  3.976   1.00 23.24 ? 22  LYS B NZ  1 
ATOM   454 N N   . VAL B 1 24 ? -7.447  14.850  9.220   1.00 5.93  ? 23  VAL B N   1 
ATOM   455 C CA  . VAL B 1 24 ? -8.717  15.111  9.893   1.00 5.96  ? 23  VAL B CA  1 
ATOM   456 C C   . VAL B 1 24 ? -8.553  15.078  11.411  1.00 6.26  ? 23  VAL B C   1 
ATOM   457 O O   . VAL B 1 24 ? -9.125  15.911  12.124  1.00 7.17  ? 23  VAL B O   1 
ATOM   458 C CB  . VAL B 1 24 ? -9.796  14.141  9.386   1.00 6.79  ? 23  VAL B CB  1 
ATOM   459 C CG1 . VAL B 1 24 ? -10.987 14.114  10.346  1.00 7.58  ? 23  VAL B CG1 1 
ATOM   460 C CG2 . VAL B 1 24 ? -10.214 14.536  7.970   1.00 8.01  ? 23  VAL B CG2 1 
ATOM   461 N N   . GLU B 1 25 ? -7.783  14.120  11.936  1.00 8.04  ? 24  GLU B N   1 
ATOM   462 C CA  . GLU B 1 25 ? -7.573  14.089  13.380  1.00 6.95  ? 24  GLU B CA  1 
ATOM   463 C C   . GLU B 1 25 ? -6.829  15.332  13.843  1.00 6.45  ? 24  GLU B C   1 
ATOM   464 O O   . GLU B 1 25 ? -7.141  15.902  14.897  1.00 7.54  ? 24  GLU B O   1 
ATOM   465 C CB  . GLU B 1 25 ? -6.807  12.829  13.785  1.00 7.30  ? 24  GLU B CB  1 
ATOM   466 C CG  . GLU B 1 25 ? -7.570  11.528  13.579  1.00 9.08  ? 24  GLU B CG  1 
ATOM   467 C CD  . GLU B 1 25 ? -8.892  11.462  14.332  1.00 12.00 ? 24  GLU B CD  1 
ATOM   468 O OE1 . GLU B 1 25 ? -9.795  10.741  13.862  1.00 14.55 ? 24  GLU B OE1 1 
ATOM   469 O OE2 . GLU B 1 25 ? -9.027  12.093  15.400  1.00 11.49 ? 24  GLU B OE2 1 
ATOM   470 N N   . ALA B 1 26 ? -5.848  15.785  13.057  1.00 5.84  ? 25  ALA B N   1 
ATOM   471 C CA  . ALA B 1 26 ? -5.168  17.030  13.393  1.00 5.46  ? 25  ALA B CA  1 
ATOM   472 C C   . ALA B 1 26 ? -6.136  18.203  13.439  1.00 7.57  ? 25  ALA B C   1 
ATOM   473 O O   . ALA B 1 26 ? -6.057  19.034  14.352  1.00 9.07  ? 25  ALA B O   1 
ATOM   474 C CB  . ALA B 1 26 ? -4.055  17.310  12.386  1.00 8.18  ? 25  ALA B CB  1 
ATOM   475 N N   . LEU B 1 27 ? -7.040  18.309  12.452  1.00 5.60  ? 26  LEU B N   1 
ATOM   476 C CA  . LEU B 1 27 ? -8.015  19.397  12.488  1.00 8.42  ? 26  LEU B CA  1 
ATOM   477 C C   . LEU B 1 27 ? -8.969  19.250  13.665  1.00 6.46  ? 26  LEU B C   1 
ATOM   478 O O   . LEU B 1 27 ? -9.292  20.240  14.332  1.00 10.12 ? 26  LEU B O   1 
ATOM   479 C CB  . LEU B 1 27 ? -8.816  19.453  11.194  1.00 8.45  ? 26  LEU B CB  1 
ATOM   480 C CG  . LEU B 1 27 ? -8.041  19.822  9.946   1.00 8.01  ? 26  LEU B CG  1 
ATOM   481 C CD1 . LEU B 1 27 ? -8.877  19.487  8.712   1.00 11.12 ? 26  LEU B CD1 1 
ATOM   482 C CD2 . LEU B 1 27 ? -7.675  21.302  9.981   1.00 12.79 ? 26  LEU B CD2 1 
ATOM   483 N N   . GLU B 1 28 ? -9.444  18.028  13.925  1.00 7.22  ? 27  GLU B N   1 
ATOM   484 C CA  . GLU B 1 28 ? -10.422 17.827  14.988  1.00 10.24 ? 27  GLU B CA  1 
ATOM   485 C C   . GLU B 1 28 ? -9.850  18.204  16.343  1.00 11.41 ? 27  GLU B C   1 
ATOM   486 O O   . GLU B 1 28 ? -10.543 18.801  17.174  1.00 13.38 ? 27  GLU B O   1 
ATOM   487 C CB  . GLU B 1 28 ? -10.883 16.373  15.015  1.00 11.40 ? 27  GLU B CB  1 
ATOM   488 C CG  . GLU B 1 28 ? -11.880 16.022  13.959  1.00 17.51 ? 27  GLU B CG  1 
ATOM   489 C CD  . GLU B 1 28 ? -12.445 14.633  14.147  1.00 19.12 ? 27  GLU B CD  1 
ATOM   490 O OE1 . GLU B 1 28 ? -13.514 14.365  13.585  1.00 19.13 ? 27  GLU B OE1 1 
ATOM   491 O OE2 . GLU B 1 28 ? -11.819 13.814  14.858  1.00 23.69 ? 27  GLU B OE2 1 
ATOM   492 N N   . HIS B 1 29 ? -8.596  17.843  16.595  1.00 9.57  ? 28  HIS B N   1 
ATOM   493 C CA  . HIS B 1 29 ? -7.970  18.050  17.892  1.00 10.70 ? 28  HIS B CA  1 
ATOM   494 C C   . HIS B 1 29 ? -7.166  19.338  17.985  1.00 9.76  ? 28  HIS B C   1 
ATOM   495 O O   . HIS B 1 29 ? -6.695  19.670  19.076  1.00 13.04 ? 28  HIS B O   1 
ATOM   496 C CB  . HIS B 1 29 ? -7.029  16.886  18.209  1.00 8.99  ? 28  HIS B CB  1 
ATOM   497 C CG  . HIS B 1 29 ? -7.722  15.578  18.423  1.00 12.03 ? 28  HIS B CG  1 
ATOM   498 N ND1 . HIS B 1 29 ? -7.817  14.614  17.442  1.00 11.99 ? 28  HIS B ND1 1 
ATOM   499 C CD2 . HIS B 1 29 ? -8.345  15.072  19.511  1.00 12.72 ? 28  HIS B CD2 1 
ATOM   500 C CE1 . HIS B 1 29 ? -8.461  13.562  17.922  1.00 12.51 ? 28  HIS B CE1 1 
ATOM   501 N NE2 . HIS B 1 29 ? -8.795  13.816  19.174  1.00 17.56 ? 28  HIS B NE2 1 
ATOM   502 N N   . GLY B 1 30 ? -6.968  20.046  16.877  1.00 9.75  ? 29  GLY B N   1 
ATOM   503 C CA  . GLY B 1 30 ? -6.145  21.243  16.894  1.00 11.95 ? 29  GLY B CA  1 
ATOM   504 C C   . GLY B 1 30 ? -4.678  20.994  17.174  1.00 10.82 ? 29  GLY B C   1 
ATOM   505 O O   . GLY B 1 30 ? -4.032  21.817  17.839  1.00 12.76 ? 29  GLY B O   1 
ATOM   506 N N   . TRP B 1 31 ? -4.131  19.884  16.676  1.00 8.99  ? 30  TRP B N   1 
ATOM   507 C CA  . TRP B 1 31 ? -2.754  19.523  16.999  1.00 9.08  ? 30  TRP B CA  1 
ATOM   508 C C   . TRP B 1 31 ? -1.791  20.534  16.397  1.00 11.18 ? 30  TRP B C   1 
ATOM   509 O O   . TRP B 1 31 ? -1.870  20.849  15.207  1.00 11.79 ? 30  TRP B O   1 
ATOM   510 C CB  . TRP B 1 31 ? -2.420  18.148  16.433  1.00 8.98  ? 30  TRP B CB  1 
ATOM   511 C CG  . TRP B 1 31 ? -3.075  17.025  17.136  1.00 8.20  ? 30  TRP B CG  1 
ATOM   512 C CD1 . TRP B 1 31 ? -3.561  17.015  18.419  1.00 7.37  ? 30  TRP B CD1 1 
ATOM   513 C CD2 . TRP B 1 31 ? -3.294  15.716  16.608  1.00 8.20  ? 30  TRP B CD2 1 
ATOM   514 N NE1 . TRP B 1 31 ? -4.077  15.773  18.707  1.00 9.29  ? 30  TRP B NE1 1 
ATOM   515 C CE2 . TRP B 1 31 ? -3.928  14.962  17.612  1.00 7.67  ? 30  TRP B CE2 1 
ATOM   516 C CE3 . TRP B 1 31 ? -3.017  15.110  15.379  1.00 7.51  ? 30  TRP B CE3 1 
ATOM   517 C CZ2 . TRP B 1 31 ? -4.300  13.629  17.417  1.00 7.52  ? 30  TRP B CZ2 1 
ATOM   518 C CZ3 . TRP B 1 31 ? -3.384  13.791  15.185  1.00 8.06  ? 30  TRP B CZ3 1 
ATOM   519 C CH2 . TRP B 1 31 ? -4.015  13.064  16.199  1.00 8.34  ? 30  TRP B CH2 1 
ATOM   520 N N   . ASP B 1 32 ? -0.865  21.023  17.220  1.00 11.60 ? 31  ASP B N   1 
ATOM   521 C CA  . ASP B 1 32 ? 0.195   21.918  16.761  1.00 12.29 ? 31  ASP B CA  1 
ATOM   522 C C   . ASP B 1 32 ? -0.361  23.204  16.165  1.00 14.31 ? 31  ASP B C   1 
ATOM   523 O O   . ASP B 1 32 ? 0.282   23.835  15.326  1.00 14.97 ? 31  ASP B O   1 
ATOM   524 C CB  . ASP B 1 32 ? 1.156   21.225  15.791  1.00 13.79 ? 31  ASP B CB  1 
ATOM   525 C CG  . ASP B 1 32 ? 1.732   19.959  16.362  1.00 11.83 ? 31  ASP B CG  1 
ATOM   526 O OD1 . ASP B 1 32 ? 1.364   18.870  15.879  1.00 10.33 ? 31  ASP B OD1 1 
ATOM   527 O OD2 . ASP B 1 32 ? 2.541   20.057  17.303  1.00 16.17 ? 31  ASP B OD2 1 
ATOM   528 N N   . GLY B 1 33 ? -1.560  23.587  16.589  1.00 12.42 ? 32  GLY B N   1 
ATOM   529 C CA  . GLY B 1 33 ? -2.204  24.776  16.077  1.00 13.23 ? 32  GLY B CA  1 
ATOM   530 C C   . GLY B 1 33 ? -2.922  24.593  14.759  1.00 15.56 ? 32  GLY B C   1 
ATOM   531 O O   . GLY B 1 33 ? -3.387  25.585  14.186  1.00 17.37 ? 32  GLY B O   1 
ATOM   532 N N   . ARG B 1 34 ? -3.026  23.365  14.257  1.00 11.82 ? 33  ARG B N   1 
ATOM   533 C CA  . ARG B 1 34 ? -3.738  23.105  13.009  1.00 10.96 ? 33  ARG B CA  1 
ATOM   534 C C   . ARG B 1 34 ? -5.250  23.266  13.169  1.00 17.18 ? 33  ARG B C   1 
ATOM   535 O O   . ARG B 1 34 ? -5.944  23.566  12.191  1.00 18.59 ? 33  ARG B O   1 
ATOM   536 C CB  . ARG B 1 34 ? -3.399  21.713  12.474  1.00 13.64 ? 33  ARG B CB  1 
ATOM   537 C CG  . ARG B 1 34 ? -2.006  21.633  11.862  1.00 12.84 ? 33  ARG B CG  1 
ATOM   538 C CD  . ARG B 1 34 ? -1.581  20.209  11.524  1.00 11.97 ? 33  ARG B CD  1 
ATOM   539 N NE  . ARG B 1 34 ? -1.036  19.509  12.683  1.00 10.80 ? 33  ARG B NE  1 
ATOM   540 C CZ  . ARG B 1 34 ? -0.532  18.281  12.639  1.00 11.70 ? 33  ARG B CZ  1 
ATOM   541 N NH1 . ARG B 1 34 ? -0.516  17.599  11.499  1.00 12.31 ? 33  ARG B NH1 1 
ATOM   542 N NH2 . ARG B 1 34 ? -0.058  17.726  13.745  1.00 10.88 ? 33  ARG B NH2 1 
HETATM 543 O O   . HOH C 2 .  ? -0.106  1.383   -4.621  1.00 24.57 ? 101 HOH A O   1 
HETATM 544 O O   . HOH C 2 .  ? 15.518  15.729  3.139   1.00 27.49 ? 102 HOH A O   1 
HETATM 545 O O   . HOH C 2 .  ? 14.256  17.402  4.236   1.00 21.20 ? 103 HOH A O   1 
HETATM 546 O O   . HOH C 2 .  ? 7.977   -22.380 -0.397  1.00 27.37 ? 104 HOH A O   1 
HETATM 547 O O   . HOH C 2 .  ? 13.355  -21.704 -3.803  1.00 13.30 ? 105 HOH A O   1 
HETATM 548 O O   . HOH C 2 .  ? -0.076  -23.938 -16.554 1.00 13.80 ? 106 HOH A O   1 
HETATM 549 O O   . HOH C 2 .  ? 3.007   -28.700 -11.259 1.00 25.66 ? 107 HOH A O   1 
HETATM 550 O O   . HOH C 2 .  ? 1.265   -8.912  1.761   1.00 23.84 ? 108 HOH A O   1 
HETATM 551 O O   . HOH C 2 .  ? 6.535   -12.511 3.822   1.00 18.19 ? 109 HOH A O   1 
HETATM 552 O O   . HOH C 2 .  ? 9.419   -12.832 1.359   1.00 8.83  ? 110 HOH A O   1 
HETATM 553 O O   . HOH C 2 .  ? 3.949   -9.651  1.643   1.00 20.49 ? 111 HOH A O   1 
HETATM 554 O O   . HOH C 2 .  ? -4.470  -26.653 -11.190 1.00 19.90 ? 112 HOH A O   1 
HETATM 555 O O   . HOH C 2 .  ? 7.730   -24.831 -11.137 1.00 22.53 ? 113 HOH A O   1 
HETATM 556 O O   . HOH C 2 .  ? 9.585   0.494   -6.450  1.00 28.67 ? 114 HOH A O   1 
HETATM 557 O O   . HOH C 2 .  ? 3.770   2.998   3.945   1.00 19.67 ? 115 HOH A O   1 
HETATM 558 O O   . HOH C 2 .  ? 4.164   14.104  -0.100  1.00 23.77 ? 116 HOH A O   1 
HETATM 559 O O   . HOH C 2 .  ? 7.742   -16.401 -1.646  1.00 12.80 ? 117 HOH A O   1 
HETATM 560 O O   . HOH C 2 .  ? 1.430   9.020   1.880   1.00 18.04 ? 118 HOH A O   1 
HETATM 561 O O   . HOH C 2 .  ? 4.848   -6.980  1.035   1.00 19.70 ? 119 HOH A O   1 
HETATM 562 O O   . HOH C 2 .  ? 6.514   -3.472  5.287   1.00 19.54 ? 120 HOH A O   1 
HETATM 563 O O   . HOH C 2 .  ? 7.582   15.233  5.602   1.00 20.65 ? 121 HOH A O   1 
HETATM 564 O O   . HOH C 2 .  ? 2.418   -16.685 -10.884 1.00 12.07 ? 122 HOH A O   1 
HETATM 565 O O   . HOH C 2 .  ? 2.475   -14.444 -12.770 1.00 29.11 ? 123 HOH A O   1 
HETATM 566 O O   . HOH C 2 .  ? 7.610   -28.095 -7.240  1.00 23.08 ? 124 HOH A O   1 
HETATM 567 O O   . HOH C 2 .  ? 10.264  -25.623 -8.330  1.00 22.11 ? 125 HOH A O   1 
HETATM 568 O O   . HOH C 2 .  ? 0.503   -6.932  -4.862  1.00 15.33 ? 126 HOH A O   1 
HETATM 569 O O   . HOH C 2 .  ? 5.153   14.384  5.138   1.00 21.45 ? 127 HOH A O   1 
HETATM 570 O O   . HOH C 2 .  ? -0.004  9.107   5.959   1.00 20.46 ? 128 HOH A O   1 
HETATM 571 O O   . HOH C 2 .  ? 3.543   -29.490 -8.446  1.00 26.68 ? 129 HOH A O   1 
HETATM 572 O O   . HOH C 2 .  ? 8.120   6.364   -6.639  1.00 27.68 ? 130 HOH A O   1 
HETATM 573 O O   . HOH C 2 .  ? -2.239  -18.708 -7.403  1.00 15.66 ? 131 HOH A O   1 
HETATM 574 O O   . HOH C 2 .  ? 6.779   2.124   -8.483  1.00 34.68 ? 132 HOH A O   1 
HETATM 575 O O   . HOH C 2 .  ? -1.586  -17.072 -8.181  1.00 29.12 ? 133 HOH A O   1 
HETATM 576 O O   . HOH C 2 .  ? 11.181  -26.124 -5.537  1.00 17.64 ? 134 HOH A O   1 
HETATM 577 O O   . HOH C 2 .  ? 0.284   -28.408 -11.363 1.00 26.93 ? 135 HOH A O   1 
HETATM 578 O O   . HOH C 2 .  ? 5.236   -27.450 -12.601 1.00 26.30 ? 136 HOH A O   1 
HETATM 579 O O   . HOH C 2 .  ? 0.250   4.705   -4.384  1.00 26.16 ? 137 HOH A O   1 
HETATM 580 O O   . HOH C 2 .  ? 1.832   17.187  1.600   1.00 32.83 ? 138 HOH A O   1 
HETATM 581 O O   . HOH C 2 .  ? -2.038  -6.477  1.035   1.00 28.73 ? 139 HOH A O   1 
HETATM 582 O O   . HOH C 2 .  ? -0.800  -5.716  -2.648  1.00 23.79 ? 140 HOH A O   1 
HETATM 583 O O   . HOH C 2 .  ? 1.045   10.154  -0.531  1.00 20.09 ? 141 HOH A O   1 
HETATM 584 O O   . HOH C 2 .  ? -0.359  10.689  -4.332  1.00 30.93 ? 142 HOH A O   1 
HETATM 585 O O   . HOH C 2 .  ? 15.664  15.269  5.238   1.00 29.23 ? 143 HOH A O   1 
HETATM 586 O O   . HOH C 2 .  ? 0.309   -17.040 -7.067  1.00 22.18 ? 144 HOH A O   1 
HETATM 587 O O   . HOH C 2 .  ? 0.958   -4.109  -9.309  1.00 18.71 ? 145 HOH A O   1 
HETATM 588 O O   . HOH C 2 .  ? 12.262  -24.058 -4.067  1.00 24.01 ? 146 HOH A O   1 
HETATM 589 O O   . HOH C 2 .  ? 0.742   -5.145  -0.455  1.00 27.25 ? 147 HOH A O   1 
HETATM 590 O O   . HOH C 2 .  ? 2.532   12.083  -4.760  1.00 32.85 ? 148 HOH A O   1 
HETATM 591 O O   . HOH C 2 .  ? 13.067  18.867  2.443   1.00 22.28 ? 149 HOH A O   1 
HETATM 592 O O   . HOH C 2 .  ? 1.996   -22.107 -16.522 1.00 19.90 ? 150 HOH A O   1 
HETATM 593 O O   . HOH C 2 .  ? 0.890   -12.929 -12.848 1.00 31.73 ? 151 HOH A O   1 
HETATM 594 O O   . HOH C 2 .  ? 5.028   4.833   -5.284  1.00 26.71 ? 152 HOH A O   1 
HETATM 595 O O   . HOH C 2 .  ? 3.181   11.663  -1.522  1.00 18.65 ? 153 HOH A O   1 
HETATM 596 O O   . HOH C 2 .  ? 1.263   -26.017 -18.015 1.00 23.22 ? 154 HOH A O   1 
HETATM 597 O O   . HOH C 2 .  ? 8.031   -24.913 -15.134 1.00 34.34 ? 155 HOH A O   1 
HETATM 598 O O   . HOH C 2 .  ? 9.058   -23.470 -13.533 1.00 29.71 ? 156 HOH A O   1 
HETATM 599 O O   . HOH C 2 .  ? 5.186   -4.576  7.198   1.00 28.88 ? 157 HOH A O   1 
HETATM 600 O O   . HOH C 2 .  ? 11.089  15.855  7.826   1.00 37.26 ? 158 HOH A O   1 
HETATM 601 O O   . HOH C 2 .  ? -0.904  9.233   -2.395  1.00 18.06 ? 159 HOH A O   1 
HETATM 602 O O   . HOH C 2 .  ? -0.201  4.869   -7.051  1.00 32.86 ? 160 HOH A O   1 
HETATM 603 O O   . HOH C 2 .  ? 9.877   -25.402 -15.142 1.00 47.39 ? 161 HOH A O   1 
HETATM 604 O O   . HOH C 2 .  ? 10.412  14.551  10.313  0.33 29.43 ? 162 HOH A O   1 
HETATM 605 O O   . HOH D 2 .  ? 4.543   -0.896  -6.412  1.00 30.90 ? 101 HOH B O   1 
HETATM 606 O O   . HOH D 2 .  ? -12.980 -6.377  -16.069 1.00 22.54 ? 102 HOH B O   1 
HETATM 607 O O   . HOH D 2 .  ? -3.232  3.161   7.672   1.00 25.06 ? 103 HOH B O   1 
HETATM 608 O O   . HOH D 2 .  ? -11.404 12.512  16.883  1.00 25.68 ? 104 HOH B O   1 
HETATM 609 O O   . HOH D 2 .  ? -11.482 -9.546  -17.376 1.00 18.50 ? 105 HOH B O   1 
HETATM 610 O O   . HOH D 2 .  ? -15.323 16.078  13.093  1.00 13.77 ? 106 HOH B O   1 
HETATM 611 O O   . HOH D 2 .  ? -11.136 8.960   15.109  1.00 26.96 ? 107 HOH B O   1 
HETATM 612 O O   . HOH D 2 .  ? -4.407  -4.169  -2.077  1.00 19.59 ? 108 HOH B O   1 
HETATM 613 O O   . HOH D 2 .  ? 0.978   -2.003  0.825   1.00 23.56 ? 109 HOH B O   1 
HETATM 614 O O   . HOH D 2 .  ? 0.675   25.769  13.570  1.00 13.87 ? 110 HOH B O   1 
HETATM 615 O O   . HOH D 2 .  ? -6.021  3.414   4.884   1.00 21.19 ? 111 HOH B O   1 
HETATM 616 O O   . HOH D 2 .  ? -1.270  -6.025  -13.399 1.00 21.25 ? 112 HOH B O   1 
HETATM 617 O O   . HOH D 2 .  ? -9.599  3.854   10.431  1.00 19.45 ? 113 HOH B O   1 
HETATM 618 O O   . HOH D 2 .  ? -7.627  8.929   -6.982  1.00 30.19 ? 114 HOH B O   1 
HETATM 619 O O   . HOH D 2 .  ? -5.992  -10.637 -13.026 1.00 19.46 ? 115 HOH B O   1 
HETATM 620 O O   . HOH D 2 .  ? 2.667   21.726  19.501  1.00 17.89 ? 116 HOH B O   1 
HETATM 621 O O   . HOH D 2 .  ? -8.420  -1.742  3.339   1.00 20.16 ? 117 HOH B O   1 
HETATM 622 O O   . HOH D 2 .  ? -5.807  3.939   7.782   1.00 20.77 ? 118 HOH B O   1 
HETATM 623 O O   . HOH D 2 .  ? -9.667  10.678  11.083  1.00 12.57 ? 119 HOH B O   1 
HETATM 624 O O   . HOH D 2 .  ? -2.410  13.323  12.502  1.00 22.71 ? 120 HOH B O   1 
HETATM 625 O O   . HOH D 2 .  ? -8.530  22.913  14.071  1.00 24.37 ? 121 HOH B O   1 
HETATM 626 O O   . HOH D 2 .  ? -0.316  7.526   3.730   1.00 18.04 ? 122 HOH B O   1 
HETATM 627 O O   . HOH D 2 .  ? -0.119  -9.514  -5.576  1.00 20.86 ? 123 HOH B O   1 
HETATM 628 O O   . HOH D 2 .  ? -5.626  21.735  20.712  1.00 29.14 ? 124 HOH B O   1 
HETATM 629 O O   . HOH D 2 .  ? -1.756  6.658   -3.100  1.00 16.91 ? 125 HOH B O   1 
HETATM 630 O O   . HOH D 2 .  ? -3.818  -10.372 -11.732 1.00 20.14 ? 126 HOH B O   1 
HETATM 631 O O   . HOH D 2 .  ? -2.623  28.291  13.672  1.00 29.71 ? 127 HOH B O   1 
HETATM 632 O O   . HOH D 2 .  ? -0.247  -5.762  -7.350  1.00 18.04 ? 128 HOH B O   1 
HETATM 633 O O   . HOH D 2 .  ? -2.006  17.904  9.049   1.00 12.55 ? 129 HOH B O   1 
HETATM 634 O O   . HOH D 2 .  ? -11.839 21.215  15.299  1.00 24.29 ? 130 HOH B O   1 
HETATM 635 O O   . HOH D 2 .  ? -1.688  13.657  6.157   1.00 26.15 ? 131 HOH B O   1 
HETATM 636 O O   . HOH D 2 .  ? 2.259   -12.341 -8.750  1.00 25.26 ? 132 HOH B O   1 
HETATM 637 O O   . HOH D 2 .  ? -4.631  4.384   -10.549 1.00 29.19 ? 133 HOH B O   1 
HETATM 638 O O   . HOH D 2 .  ? 0.972   14.987  13.674  1.00 16.46 ? 134 HOH B O   1 
HETATM 639 O O   . HOH D 2 .  ? -2.216  23.346  19.571  1.00 35.51 ? 135 HOH B O   1 
HETATM 640 O O   . HOH D 2 .  ? -1.370  0.583   1.669   1.00 22.49 ? 136 HOH B O   1 
HETATM 641 O O   . HOH D 2 .  ? -8.777  24.464  11.749  1.00 30.14 ? 137 HOH B O   1 
HETATM 642 O O   . HOH D 2 .  ? 0.443   4.995   3.997   1.00 23.17 ? 138 HOH B O   1 
HETATM 643 O O   . HOH D 2 .  ? -13.530 19.453  16.838  1.00 21.40 ? 139 HOH B O   1 
HETATM 644 O O   . HOH D 2 .  ? -9.121  19.650  20.975  1.00 25.04 ? 140 HOH B O   1 
HETATM 645 O O   . HOH D 2 .  ? -10.255 20.977  19.349  1.00 33.58 ? 141 HOH B O   1 
HETATM 646 O O   . HOH D 2 .  ? 4.701   1.302   -8.099  1.00 33.33 ? 142 HOH B O   1 
HETATM 647 O O   . HOH D 2 .  ? 1.145   14.944  11.821  1.00 25.09 ? 143 HOH B O   1 
HETATM 648 O O   . HOH D 2 .  ? -1.128  14.492  11.778  1.00 26.75 ? 144 HOH B O   1 
HETATM 649 O O   . HOH D 2 .  ? -6.425  26.416  14.675  1.00 32.06 ? 145 HOH B O   1 
HETATM 650 O O   . HOH D 2 .  ? -3.223  26.552  11.148  1.00 30.83 ? 146 HOH B O   1 
HETATM 651 O O   . HOH D 2 .  ? -13.351 -9.207  -15.452 1.00 26.31 ? 147 HOH B O   1 
HETATM 652 O O   . HOH D 2 .  ? -1.613  15.244  9.421   1.00 24.67 ? 148 HOH B O   1 
HETATM 653 O O   . HOH D 2 .  ? 0.372   18.514  2.964   1.00 32.88 ? 149 HOH B O   1 
HETATM 654 O O   . HOH D 2 .  ? -9.654  -8.570  -18.993 1.00 23.72 ? 150 HOH B O   1 
HETATM 655 O O   . HOH D 2 .  ? -1.552  2.856   3.984   1.00 25.60 ? 151 HOH B O   1 
HETATM 656 O O   . HOH D 2 .  ? -14.557 17.136  15.500  1.00 24.13 ? 152 HOH B O   1 
HETATM 657 O O   . HOH D 2 .  ? -8.869  11.652  21.967  1.00 14.38 ? 153 HOH B O   1 
HETATM 658 O O   . HOH D 2 .  ? 0.461   1.677   6.197   1.00 35.20 ? 154 HOH B O   1 
HETATM 659 O O   . HOH D 2 .  ? -14.873 14.208  16.907  1.00 27.28 ? 155 HOH B O   1 
HETATM 660 O O   . HOH D 2 .  ? -0.983  25.073  11.556  1.00 21.15 ? 156 HOH B O   1 
HETATM 661 O O   . HOH D 2 .  ? -2.229  2.917   -7.921  1.00 36.18 ? 157 HOH B O   1 
HETATM 662 O O   . HOH D 2 .  ? -5.707  27.120  11.133  1.00 37.80 ? 158 HOH B O   1 
HETATM 663 O O   . HOH D 2 .  ? -3.574  1.720   5.312   1.00 26.71 ? 159 HOH B O   1 
HETATM 664 O O   . HOH D 2 .  ? -0.416  -3.582  -11.487 1.00 20.18 ? 160 HOH B O   1 
HETATM 665 O O   . HOH D 2 .  ? -0.332  28.198  14.510  1.00 22.95 ? 161 HOH B O   1 
HETATM 666 O O   . HOH D 2 .  ? -4.059  5.665   -7.413  1.00 34.83 ? 162 HOH B O   1 
HETATM 667 O O   . HOH D 2 .  ? -11.726 19.434  21.004  1.00 31.81 ? 163 HOH B O   1 
HETATM 668 O O   . HOH D 2 .  ? 2.789   3.718   -7.010  1.00 30.42 ? 164 HOH B O   1 
HETATM 669 O O   . HOH D 2 .  ? -9.254  24.695  15.316  1.00 44.30 ? 165 HOH B O   1 
HETATM 670 O O   . HOH D 2 .  ? -11.354 23.276  19.237  1.00 37.09 ? 166 HOH B O   1 
# 
